data_8TA2
#
_entry.id   8TA2
#
_cell.length_a   1.00
_cell.length_b   1.00
_cell.length_c   1.00
_cell.angle_alpha   90.00
_cell.angle_beta   90.00
_cell.angle_gamma   90.00
#
_symmetry.space_group_name_H-M   'P 1'
#
loop_
_entity.id
_entity.type
_entity.pdbx_description
1 polymer 'Chloride channel protein 2'
2 non-polymer '2-[[2,6-bis(chloranyl)-3-phenylmethoxy-phenyl]amino]pyridine-3-carboxylic acid'
3 non-polymer 'CHLORIDE ION'
#
_entity_poly.entity_id   1
_entity_poly.type   'polypeptide(L)'
_entity_poly.pdbx_seq_one_letter_code
;GEDWIFLVLLGLLMALVSWVMDYAIAACLQAQQWMSRGLNTSILLQYLAWVTYPVVLITFSAGFTQILAPQAVGSGIPEM
KTILRGVVLKEYLTLKTFIAKVIGLTCALGSGMPLGKEGPFVHIASMCAALLSKFLSLFGGIYENESRNTEMLAAACAVG
VGCCFAAPIGGVLFSIEVTSTFFAVRNYWRGFFAATFSAFIFRVLAVWNRDEETITALFKTRFRLDFPFDLQELPAFAVI
GIASGFGGALFVYLNRKIVQVMRKQKTINRFLMRKRLLFPALVTLLISTLTFPPGFGQFMAGQLSQKETLVTLFDNRTWV
RQGLVEELEPPSTSQAWNPPRANVFLTLVIFILMKFWMSALATTIPVPCGAFMPVFVIGAAFGRLVGESMAAWFPDGIHT
DSSTYRIVPGGYAVVGAAALAGAVTHTVSTAVIVFELTGQIAHILPVMIAVILANAVAQSLQPSLYDSIIRIKKLPYLP
;
_entity_poly.pdbx_strand_id   A,B
#
# COMPACT_ATOMS: atom_id res chain seq x y z
N GLY A 1 23.95 3.33 15.52
CA GLY A 1 23.66 4.10 14.29
C GLY A 1 22.76 5.28 14.59
N GLU A 2 23.24 6.50 14.40
CA GLU A 2 22.52 7.74 14.76
C GLU A 2 21.21 7.94 13.99
N ASP A 3 21.09 7.40 12.78
CA ASP A 3 19.91 7.58 11.93
C ASP A 3 18.67 6.85 12.46
N TRP A 4 18.85 5.71 13.12
CA TRP A 4 17.74 4.97 13.74
C TRP A 4 17.35 5.54 15.10
N ILE A 5 18.29 6.06 15.90
CA ILE A 5 17.95 6.79 17.13
C ILE A 5 17.12 8.03 16.78
N PHE A 6 17.51 8.79 15.76
CA PHE A 6 16.73 9.93 15.28
C PHE A 6 15.33 9.51 14.80
N LEU A 7 15.19 8.47 13.98
CA LEU A 7 13.89 8.06 13.45
C LEU A 7 12.96 7.40 14.49
N VAL A 8 13.49 6.85 15.59
CA VAL A 8 12.69 6.42 16.76
C VAL A 8 12.15 7.64 17.50
N LEU A 9 13.01 8.59 17.90
CA LEU A 9 12.59 9.78 18.63
C LEU A 9 11.59 10.63 17.82
N LEU A 10 11.79 10.80 16.51
CA LEU A 10 10.85 11.49 15.64
C LEU A 10 9.48 10.78 15.58
N GLY A 11 9.46 9.45 15.65
CA GLY A 11 8.21 8.68 15.67
C GLY A 11 7.46 8.78 17.01
N LEU A 12 8.19 8.90 18.12
CA LEU A 12 7.65 9.09 19.48
C LEU A 12 7.09 10.51 19.67
N LEU A 13 7.89 11.55 19.41
CA LEU A 13 7.51 12.95 19.64
C LEU A 13 6.33 13.39 18.77
N MET A 14 6.28 13.05 17.48
CA MET A 14 5.14 13.46 16.66
C MET A 14 3.84 12.73 17.07
N ALA A 15 3.92 11.48 17.54
CA ALA A 15 2.76 10.76 18.04
C ALA A 15 2.23 11.34 19.37
N LEU A 16 3.12 11.68 20.30
CA LEU A 16 2.76 12.39 21.54
C LEU A 16 2.13 13.77 21.28
N VAL A 17 2.73 14.59 20.41
CA VAL A 17 2.18 15.90 20.01
C VAL A 17 0.82 15.75 19.35
N SER A 18 0.67 14.86 18.38
CA SER A 18 -0.61 14.59 17.70
C SER A 18 -1.71 14.20 18.69
N TRP A 19 -1.38 13.39 19.70
CA TRP A 19 -2.34 12.91 20.68
C TRP A 19 -2.83 14.02 21.62
N VAL A 20 -1.91 14.82 22.18
CA VAL A 20 -2.27 15.97 23.03
C VAL A 20 -3.12 16.99 22.28
N MET A 21 -2.86 17.23 20.99
CA MET A 21 -3.67 18.14 20.19
C MET A 21 -5.07 17.61 19.92
N ASP A 22 -5.23 16.32 19.63
CA ASP A 22 -6.55 15.72 19.41
C ASP A 22 -7.39 15.66 20.69
N TYR A 23 -6.76 15.56 21.86
CA TYR A 23 -7.43 15.71 23.15
C TYR A 23 -7.98 17.14 23.33
N ALA A 24 -7.15 18.17 23.10
CA ALA A 24 -7.55 19.57 23.19
C ALA A 24 -8.62 19.98 22.17
N ILE A 25 -8.57 19.51 20.92
CA ILE A 25 -9.61 19.78 19.92
C ILE A 25 -10.94 19.15 20.34
N ALA A 26 -10.94 17.90 20.81
CA ALA A 26 -12.16 17.23 21.28
C ALA A 26 -12.80 17.95 22.48
N ALA A 27 -11.99 18.43 23.44
CA ALA A 27 -12.47 19.24 24.54
C ALA A 27 -13.17 20.53 24.06
N CYS A 28 -12.57 21.29 23.14
CA CYS A 28 -13.18 22.50 22.59
C CYS A 28 -14.51 22.21 21.86
N LEU A 29 -14.64 21.08 21.16
CA LEU A 29 -15.87 20.68 20.49
C LEU A 29 -16.94 20.14 21.47
N GLN A 30 -16.53 19.56 22.60
CA GLN A 30 -17.46 19.16 23.68
C GLN A 30 -18.03 20.37 24.41
N ALA A 31 -17.21 21.40 24.64
CA ALA A 31 -17.65 22.66 25.24
C ALA A 31 -18.76 23.35 24.43
N GLN A 32 -18.68 23.35 23.10
CA GLN A 32 -19.72 23.86 22.21
C GLN A 32 -21.07 23.16 22.42
N GLN A 33 -21.07 21.83 22.51
CA GLN A 33 -22.32 21.06 22.69
C GLN A 33 -22.92 21.26 24.09
N TRP A 34 -22.13 21.16 25.15
CA TRP A 34 -22.57 21.44 26.52
C TRP A 34 -23.19 22.83 26.68
N MET A 35 -22.50 23.86 26.18
CA MET A 35 -22.95 25.25 26.24
C MET A 35 -24.26 25.44 25.46
N SER A 36 -24.40 24.76 24.32
CA SER A 36 -25.62 24.80 23.50
C SER A 36 -26.81 24.13 24.18
N ARG A 37 -26.66 22.90 24.71
CA ARG A 37 -27.77 22.21 25.40
C ARG A 37 -28.13 22.82 26.76
N GLY A 38 -27.20 23.51 27.42
CA GLY A 38 -27.46 24.34 28.60
C GLY A 38 -28.35 25.57 28.35
N LEU A 39 -28.63 25.91 27.09
CA LEU A 39 -29.42 27.08 26.67
C LEU A 39 -30.68 26.72 25.87
N ASN A 40 -31.12 25.46 25.88
CA ASN A 40 -32.30 24.99 25.11
C ASN A 40 -33.63 25.69 25.47
N THR A 41 -33.65 26.47 26.55
CA THR A 41 -34.74 27.34 26.99
C THR A 41 -34.84 28.67 26.24
N SER A 42 -33.80 29.13 25.53
CA SER A 42 -33.79 30.44 24.85
C SER A 42 -33.03 30.38 23.52
N ILE A 43 -33.77 30.37 22.40
CA ILE A 43 -33.21 30.32 21.05
C ILE A 43 -32.25 31.49 20.79
N LEU A 44 -32.60 32.70 21.27
CA LEU A 44 -31.77 33.88 21.09
C LEU A 44 -30.43 33.76 21.84
N LEU A 45 -30.43 33.37 23.10
CA LEU A 45 -29.17 33.17 23.84
C LEU A 45 -28.35 32.00 23.26
N GLN A 46 -29.03 30.96 22.79
CA GLN A 46 -28.40 29.80 22.16
C GLN A 46 -27.70 30.19 20.84
N TYR A 47 -28.35 30.98 19.96
CA TYR A 47 -27.72 31.54 18.75
C TYR A 47 -26.53 32.44 19.10
N LEU A 48 -26.65 33.32 20.10
CA LEU A 48 -25.55 34.18 20.54
C LEU A 48 -24.34 33.35 21.01
N ALA A 49 -24.57 32.32 21.82
CA ALA A 49 -23.51 31.41 22.24
C ALA A 49 -22.90 30.63 21.07
N TRP A 50 -23.75 30.19 20.13
CA TRP A 50 -23.37 29.42 18.94
C TRP A 50 -22.45 30.18 18.00
N VAL A 51 -22.71 31.45 17.68
CA VAL A 51 -21.81 32.24 16.80
C VAL A 51 -20.65 32.88 17.55
N THR A 52 -20.80 33.23 18.83
CA THR A 52 -19.74 33.93 19.56
C THR A 52 -18.55 33.02 19.86
N TYR A 53 -18.80 31.80 20.34
CA TYR A 53 -17.76 30.84 20.67
C TYR A 53 -16.74 30.55 19.52
N PRO A 54 -17.18 30.21 18.28
CA PRO A 54 -16.27 30.02 17.16
C PRO A 54 -15.61 31.32 16.69
N VAL A 55 -16.34 32.44 16.63
CA VAL A 55 -15.77 33.76 16.28
C VAL A 55 -14.67 34.16 17.25
N VAL A 56 -14.81 33.88 18.55
CA VAL A 56 -13.75 34.13 19.55
C VAL A 56 -12.54 33.25 19.33
N LEU A 57 -12.72 31.96 19.07
CA LEU A 57 -11.63 31.02 18.82
C LEU A 57 -10.84 31.34 17.54
N ILE A 58 -11.52 31.71 16.46
CA ILE A 58 -10.88 32.15 15.22
C ILE A 58 -10.20 33.51 15.40
N THR A 59 -10.85 34.49 16.01
CA THR A 59 -10.25 35.81 16.27
C THR A 59 -9.00 35.67 17.13
N PHE A 60 -9.03 34.81 18.15
CA PHE A 60 -7.85 34.50 18.94
C PHE A 60 -6.76 33.78 18.12
N SER A 61 -7.13 32.80 17.28
CA SER A 61 -6.16 32.06 16.47
C SER A 61 -5.43 32.99 15.48
N ALA A 62 -6.16 33.82 14.74
CA ALA A 62 -5.59 34.82 13.84
C ALA A 62 -4.71 35.82 14.60
N GLY A 63 -5.23 36.44 15.67
CA GLY A 63 -4.48 37.39 16.49
C GLY A 63 -3.20 36.83 17.08
N PHE A 64 -3.26 35.64 17.71
CA PHE A 64 -2.10 35.00 18.32
C PHE A 64 -1.04 34.59 17.27
N THR A 65 -1.47 34.14 16.09
CA THR A 65 -0.58 33.83 14.97
C THR A 65 0.13 35.09 14.48
N GLN A 66 -0.62 36.17 14.21
CA GLN A 66 -0.06 37.43 13.73
C GLN A 66 0.88 38.10 14.75
N ILE A 67 0.74 37.84 16.04
CA ILE A 67 1.68 38.31 17.07
C ILE A 67 2.97 37.48 17.09
N LEU A 68 2.90 36.14 17.15
CA LEU A 68 4.11 35.31 17.26
C LEU A 68 4.85 35.09 15.94
N ALA A 69 4.14 34.73 14.87
CA ALA A 69 4.71 34.20 13.64
C ALA A 69 3.72 34.26 12.46
N PRO A 70 3.63 35.36 11.72
CA PRO A 70 2.76 35.46 10.54
C PRO A 70 3.05 34.40 9.47
N GLN A 71 4.29 33.91 9.38
CA GLN A 71 4.69 32.81 8.48
C GLN A 71 4.00 31.47 8.81
N ALA A 72 3.43 31.30 10.01
CA ALA A 72 2.72 30.10 10.43
C ALA A 72 1.31 29.96 9.82
N VAL A 73 0.79 30.97 9.12
CA VAL A 73 -0.51 30.92 8.44
C VAL A 73 -0.56 29.87 7.33
N GLY A 74 -1.72 29.23 7.11
CA GLY A 74 -1.96 28.34 5.97
C GLY A 74 -1.31 26.95 6.01
N SER A 75 -1.57 26.16 4.97
CA SER A 75 -1.09 24.79 4.76
C SER A 75 0.42 24.75 4.54
N GLY A 76 1.16 23.87 5.21
CA GLY A 76 2.63 23.83 5.16
C GLY A 76 3.26 22.94 4.08
N ILE A 77 2.48 22.22 3.27
CA ILE A 77 3.05 21.39 2.19
C ILE A 77 3.78 22.24 1.11
N PRO A 78 3.21 23.34 0.57
CA PRO A 78 3.85 24.12 -0.49
C PRO A 78 5.21 24.71 -0.09
N GLU A 79 5.39 25.13 1.15
CA GLU A 79 6.69 25.57 1.62
C GLU A 79 7.67 24.42 1.83
N MET A 80 7.23 23.25 2.32
CA MET A 80 8.11 22.09 2.46
C MET A 80 8.54 21.53 1.11
N LYS A 81 7.67 21.47 0.10
CA LYS A 81 8.02 21.15 -1.29
C LYS A 81 9.13 22.08 -1.80
N THR A 82 8.98 23.38 -1.55
CA THR A 82 9.96 24.42 -1.91
C THR A 82 11.29 24.30 -1.16
N ILE A 83 11.27 24.00 0.14
CA ILE A 83 12.48 23.77 0.95
C ILE A 83 13.20 22.48 0.57
N LEU A 84 12.48 21.41 0.18
CA LEU A 84 13.07 20.18 -0.33
C LEU A 84 13.72 20.34 -1.72
N ARG A 85 13.26 21.27 -2.57
CA ARG A 85 13.99 21.74 -3.77
C ARG A 85 15.22 22.61 -3.48
N GLY A 86 15.52 22.93 -2.23
CA GLY A 86 16.75 23.62 -1.81
C GLY A 86 16.66 25.15 -1.67
N VAL A 87 15.48 25.75 -1.86
CA VAL A 87 15.21 27.17 -1.57
C VAL A 87 15.26 27.42 -0.05
N VAL A 88 15.70 28.61 0.39
CA VAL A 88 15.77 28.99 1.82
C VAL A 88 14.63 29.93 2.19
N LEU A 89 13.89 29.59 3.25
CA LEU A 89 12.81 30.39 3.85
C LEU A 89 13.27 30.87 5.25
N LYS A 90 13.00 32.13 5.60
CA LYS A 90 13.72 32.87 6.65
C LYS A 90 13.68 32.22 8.05
N GLU A 91 12.50 32.13 8.65
CA GLU A 91 12.30 31.65 10.04
C GLU A 91 11.20 30.56 10.14
N TYR A 92 10.94 29.89 9.02
CA TYR A 92 9.85 28.93 8.84
C TYR A 92 9.96 27.65 9.69
N LEU A 93 11.16 27.29 10.15
CA LEU A 93 11.42 26.17 11.07
C LEU A 93 12.07 26.68 12.37
N THR A 94 11.29 27.37 13.20
CA THR A 94 11.73 27.94 14.49
C THR A 94 10.67 27.76 15.59
N LEU A 95 11.07 27.89 16.86
CA LEU A 95 10.19 27.65 18.01
C LEU A 95 8.95 28.56 18.06
N LYS A 96 9.07 29.84 17.69
CA LYS A 96 7.93 30.77 17.58
C LYS A 96 6.89 30.26 16.57
N THR A 97 7.36 29.79 15.41
CA THR A 97 6.51 29.23 14.34
C THR A 97 5.82 27.95 14.82
N PHE A 98 6.52 27.12 15.59
CA PHE A 98 5.96 25.89 16.20
C PHE A 98 4.83 26.19 17.17
N ILE A 99 5.07 27.03 18.19
CA ILE A 99 4.07 27.39 19.22
C ILE A 99 2.84 28.02 18.56
N ALA A 100 3.03 28.91 17.58
CA ALA A 100 1.94 29.51 16.82
C ALA A 100 1.13 28.45 16.03
N LYS A 101 1.78 27.48 15.36
CA LYS A 101 1.07 26.42 14.63
C LYS A 101 0.34 25.46 15.56
N VAL A 102 0.93 25.07 16.69
CA VAL A 102 0.29 24.16 17.66
C VAL A 102 -0.96 24.77 18.30
N ILE A 103 -0.86 25.94 18.92
CA ILE A 103 -2.00 26.61 19.58
C ILE A 103 -3.01 27.13 18.56
N GLY A 104 -2.55 27.74 17.47
CA GLY A 104 -3.41 28.30 16.44
C GLY A 104 -4.25 27.26 15.72
N LEU A 105 -3.68 26.08 15.43
CA LEU A 105 -4.42 24.95 14.83
C LEU A 105 -5.40 24.33 15.83
N THR A 106 -5.02 24.19 17.10
CA THR A 106 -5.91 23.72 18.17
C THR A 106 -7.17 24.59 18.29
N CYS A 107 -7.03 25.92 18.29
CA CYS A 107 -8.15 26.87 18.32
C CYS A 107 -8.93 26.94 17.00
N ALA A 108 -8.27 26.83 15.85
CA ALA A 108 -8.91 26.85 14.54
C ALA A 108 -9.76 25.60 14.26
N LEU A 109 -9.34 24.42 14.74
CA LEU A 109 -10.09 23.16 14.62
C LEU A 109 -11.08 22.92 15.77
N GLY A 110 -10.81 23.45 16.97
CA GLY A 110 -11.72 23.42 18.13
C GLY A 110 -13.03 24.23 17.97
N SER A 111 -13.43 24.48 16.74
CA SER A 111 -14.47 25.38 16.26
C SER A 111 -15.12 24.72 15.04
N GLY A 112 -16.33 25.09 14.65
CA GLY A 112 -17.06 24.41 13.57
C GLY A 112 -16.54 24.63 12.14
N MET A 113 -15.35 25.21 11.96
CA MET A 113 -14.84 25.66 10.66
C MET A 113 -14.36 24.51 9.75
N PRO A 114 -14.66 24.50 8.43
CA PRO A 114 -14.25 23.44 7.52
C PRO A 114 -12.75 23.49 7.18
N LEU A 115 -11.90 23.10 8.12
CA LEU A 115 -10.44 23.13 8.03
C LEU A 115 -9.87 21.73 8.21
N GLY A 116 -8.68 21.45 7.67
CA GLY A 116 -7.92 20.21 7.88
C GLY A 116 -6.63 20.42 8.65
N LYS A 117 -5.84 19.36 8.86
CA LYS A 117 -4.53 19.38 9.51
C LYS A 117 -3.40 18.67 8.75
N GLU A 118 -3.59 18.12 7.55
CA GLU A 118 -2.55 17.43 6.79
C GLU A 118 -1.30 18.28 6.54
N GLY A 119 -1.48 19.47 5.96
CA GLY A 119 -0.41 20.42 5.70
C GLY A 119 0.25 20.94 6.97
N PRO A 120 -0.53 21.39 7.97
CA PRO A 120 0.00 21.75 9.27
C PRO A 120 0.78 20.65 9.98
N PHE A 121 0.40 19.38 9.85
CA PHE A 121 1.15 18.26 10.42
C PHE A 121 2.46 17.99 9.69
N VAL A 122 2.51 18.16 8.37
CA VAL A 122 3.77 18.15 7.59
C VAL A 122 4.74 19.23 8.10
N HIS A 123 4.25 20.43 8.42
CA HIS A 123 5.06 21.52 8.99
C HIS A 123 5.49 21.27 10.45
N ILE A 124 4.57 20.88 11.33
CA ILE A 124 4.86 20.58 12.74
C ILE A 124 5.85 19.41 12.86
N ALA A 125 5.70 18.35 12.06
CA ALA A 125 6.65 17.24 12.03
C ALA A 125 8.04 17.69 11.55
N SER A 126 8.11 18.55 10.54
CA SER A 126 9.37 19.13 10.07
C SER A 126 10.02 20.04 11.11
N MET A 127 9.24 20.73 11.94
CA MET A 127 9.76 21.46 13.10
C MET A 127 10.27 20.51 14.19
N CYS A 128 9.60 19.39 14.46
CA CYS A 128 10.12 18.37 15.38
C CYS A 128 11.47 17.81 14.88
N ALA A 129 11.58 17.52 13.59
CA ALA A 129 12.82 17.07 12.96
C ALA A 129 13.94 18.11 13.05
N ALA A 130 13.65 19.38 12.80
CA ALA A 130 14.60 20.47 12.99
C ALA A 130 15.05 20.58 14.46
N LEU A 131 14.13 20.54 15.42
CA LEU A 131 14.46 20.61 16.83
C LEU A 131 15.26 19.40 17.33
N LEU A 132 14.91 18.16 16.94
CA LEU A 132 15.69 16.97 17.29
C LEU A 132 17.10 17.03 16.70
N SER A 133 17.24 17.36 15.41
CA SER A 133 18.55 17.43 14.77
C SER A 133 19.41 18.60 15.27
N LYS A 134 18.81 19.68 15.77
CA LYS A 134 19.49 20.75 16.51
C LYS A 134 19.87 20.32 17.93
N PHE A 135 19.05 19.50 18.59
CA PHE A 135 19.26 19.07 19.97
C PHE A 135 20.40 18.04 20.12
N LEU A 136 20.44 17.02 19.26
CA LEU A 136 21.43 15.94 19.31
C LEU A 136 22.87 16.49 19.11
N SER A 137 23.85 15.94 19.83
CA SER A 137 25.23 16.45 19.87
C SER A 137 26.00 16.39 18.54
N LEU A 138 25.45 15.72 17.51
CA LEU A 138 25.96 15.72 16.14
C LEU A 138 25.59 16.99 15.35
N PHE A 139 24.94 17.98 15.97
CA PHE A 139 24.82 19.33 15.40
C PHE A 139 26.16 20.07 15.41
N GLY A 140 26.47 20.78 14.31
CA GLY A 140 27.67 21.62 14.18
C GLY A 140 28.10 21.80 12.72
N GLY A 141 28.90 22.83 12.43
CA GLY A 141 29.27 23.24 11.06
C GLY A 141 30.02 22.20 10.21
N ILE A 142 30.56 21.16 10.84
CA ILE A 142 31.23 20.03 10.19
C ILE A 142 30.21 18.98 9.67
N TYR A 143 29.02 18.88 10.28
CA TYR A 143 28.07 17.77 10.07
C TYR A 143 26.61 18.18 9.84
N GLU A 144 26.26 19.47 9.87
CA GLU A 144 24.95 20.02 9.52
C GLU A 144 24.70 20.07 7.98
N ASN A 145 25.00 18.98 7.27
CA ASN A 145 24.91 18.91 5.81
C ASN A 145 23.47 19.12 5.29
N GLU A 146 23.32 19.81 4.17
CA GLU A 146 22.03 20.02 3.51
C GLU A 146 21.41 18.68 3.07
N SER A 147 22.23 17.71 2.63
CA SER A 147 21.77 16.35 2.28
C SER A 147 21.15 15.65 3.50
N ARG A 148 21.90 15.57 4.62
CA ARG A 148 21.40 15.05 5.91
C ARG A 148 20.09 15.72 6.31
N ASN A 149 20.03 17.05 6.30
CA ASN A 149 18.84 17.80 6.69
C ASN A 149 17.67 17.54 5.73
N THR A 150 17.91 17.50 4.42
CA THR A 150 16.85 17.25 3.42
C THR A 150 16.37 15.81 3.47
N GLU A 151 17.26 14.85 3.77
CA GLU A 151 16.88 13.45 4.01
C GLU A 151 15.95 13.32 5.21
N MET A 152 16.22 14.01 6.33
CA MET A 152 15.33 13.94 7.50
C MET A 152 14.04 14.75 7.33
N LEU A 153 14.05 15.89 6.64
CA LEU A 153 12.83 16.61 6.30
C LEU A 153 11.93 15.79 5.35
N ALA A 154 12.50 14.95 4.47
CA ALA A 154 11.71 14.04 3.64
C ALA A 154 11.04 12.93 4.48
N ALA A 155 11.74 12.38 5.48
CA ALA A 155 11.15 11.42 6.42
C ALA A 155 10.11 12.08 7.35
N ALA A 156 10.34 13.31 7.79
CA ALA A 156 9.41 14.05 8.65
C ALA A 156 8.09 14.38 7.97
N CYS A 157 8.05 14.59 6.65
CA CYS A 157 6.81 14.68 5.91
C CYS A 157 5.99 13.40 6.03
N ALA A 158 6.63 12.24 5.87
CA ALA A 158 6.00 10.93 6.00
C ALA A 158 5.48 10.65 7.41
N VAL A 159 6.25 10.94 8.46
CA VAL A 159 5.77 10.84 9.85
C VAL A 159 4.59 11.78 10.09
N GLY A 160 4.65 13.03 9.65
CA GLY A 160 3.56 13.99 9.80
C GLY A 160 2.26 13.55 9.14
N VAL A 161 2.29 13.13 7.88
CA VAL A 161 1.10 12.61 7.20
C VAL A 161 0.62 11.27 7.80
N GLY A 162 1.53 10.42 8.27
CA GLY A 162 1.18 9.17 8.94
C GLY A 162 0.45 9.40 10.26
N CYS A 163 0.99 10.25 11.13
CA CYS A 163 0.32 10.69 12.36
C CYS A 163 -1.01 11.39 12.09
N CYS A 164 -1.11 12.15 11.01
CA CYS A 164 -2.34 12.85 10.66
C CYS A 164 -3.48 11.85 10.38
N PHE A 165 -3.30 10.99 9.38
CA PHE A 165 -4.33 10.06 8.93
C PHE A 165 -4.46 8.79 9.78
N ALA A 166 -3.47 8.48 10.63
CA ALA A 166 -3.33 7.18 11.30
C ALA A 166 -3.27 6.01 10.28
N ALA A 167 -2.58 6.25 9.17
CA ALA A 167 -2.40 5.34 8.04
C ALA A 167 -0.88 5.21 7.76
N PRO A 168 -0.17 4.28 8.41
CA PRO A 168 1.29 4.23 8.41
C PRO A 168 1.95 4.01 7.05
N ILE A 169 1.34 3.29 6.10
CA ILE A 169 1.93 3.09 4.77
C ILE A 169 1.48 4.20 3.83
N GLY A 170 0.18 4.48 3.78
CA GLY A 170 -0.40 5.52 2.94
C GLY A 170 0.20 6.91 3.20
N GLY A 171 0.54 7.23 4.44
CA GLY A 171 1.17 8.49 4.78
C GLY A 171 2.58 8.67 4.21
N VAL A 172 3.33 7.59 3.99
CA VAL A 172 4.64 7.64 3.31
C VAL A 172 4.46 7.83 1.81
N LEU A 173 3.54 7.11 1.18
CA LEU A 173 3.28 7.21 -0.26
C LEU A 173 2.71 8.57 -0.67
N PHE A 174 1.78 9.13 0.12
CA PHE A 174 1.25 10.48 -0.11
C PHE A 174 2.33 11.56 0.02
N SER A 175 3.20 11.47 1.02
CA SER A 175 4.30 12.43 1.20
C SER A 175 5.24 12.49 -0.01
N ILE A 176 5.56 11.34 -0.61
CA ILE A 176 6.34 11.28 -1.84
C ILE A 176 5.57 12.00 -2.96
N GLU A 177 4.32 11.64 -3.24
CA GLU A 177 3.60 12.22 -4.38
C GLU A 177 3.37 13.73 -4.32
N VAL A 178 3.22 14.34 -3.14
CA VAL A 178 2.98 15.78 -3.00
C VAL A 178 4.24 16.60 -2.80
N THR A 179 5.29 16.08 -2.14
CA THR A 179 6.49 16.88 -1.83
C THR A 179 7.68 16.65 -2.76
N SER A 180 7.57 15.75 -3.75
CA SER A 180 8.73 15.32 -4.54
C SER A 180 8.39 14.98 -6.00
N THR A 181 9.42 14.91 -6.83
CA THR A 181 9.34 14.47 -8.24
C THR A 181 10.02 13.11 -8.47
N PHE A 182 11.07 12.78 -7.70
CA PHE A 182 11.72 11.47 -7.67
C PHE A 182 11.59 10.76 -6.32
N PHE A 183 10.93 9.59 -6.34
CA PHE A 183 10.82 8.57 -5.30
C PHE A 183 12.18 7.89 -5.10
N ALA A 184 12.97 8.33 -4.11
CA ALA A 184 14.21 7.67 -3.74
C ALA A 184 13.91 6.47 -2.81
N VAL A 185 14.28 5.25 -3.20
CA VAL A 185 13.92 4.01 -2.47
C VAL A 185 14.48 4.02 -1.05
N ARG A 186 15.70 4.51 -0.86
CA ARG A 186 16.37 4.62 0.45
C ARG A 186 15.65 5.55 1.45
N ASN A 187 14.89 6.54 0.98
CA ASN A 187 14.08 7.40 1.84
C ASN A 187 12.66 6.85 2.07
N TYR A 188 12.09 6.14 1.11
CA TYR A 188 10.86 5.38 1.31
C TYR A 188 11.01 4.29 2.40
N TRP A 189 12.20 3.70 2.57
CA TRP A 189 12.48 2.81 3.70
C TRP A 189 12.54 3.54 5.05
N ARG A 190 13.06 4.77 5.11
CA ARG A 190 13.04 5.62 6.32
C ARG A 190 11.64 6.05 6.73
N GLY A 191 10.79 6.39 5.76
CA GLY A 191 9.40 6.75 6.02
C GLY A 191 8.62 5.59 6.63
N PHE A 192 8.79 4.38 6.11
CA PHE A 192 8.18 3.16 6.64
C PHE A 192 8.66 2.84 8.06
N PHE A 193 9.96 2.95 8.35
CA PHE A 193 10.50 2.73 9.69
C PHE A 193 9.89 3.69 10.73
N ALA A 194 9.92 5.00 10.48
CA ALA A 194 9.44 5.99 11.43
C ALA A 194 7.91 6.00 11.57
N ALA A 195 7.15 5.79 10.49
CA ALA A 195 5.71 5.60 10.57
C ALA A 195 5.30 4.34 11.36
N THR A 196 6.16 3.31 11.46
CA THR A 196 5.89 2.12 12.27
C THR A 196 5.99 2.43 13.77
N PHE A 197 7.03 3.14 14.22
CA PHE A 197 7.17 3.45 15.65
C PHE A 197 6.06 4.39 16.15
N SER A 198 5.52 5.29 15.33
CA SER A 198 4.32 6.06 15.68
C SER A 198 3.08 5.19 15.82
N ALA A 199 2.86 4.21 14.94
CA ALA A 199 1.71 3.30 15.00
C ALA A 199 1.73 2.39 16.25
N PHE A 200 2.91 2.01 16.72
CA PHE A 200 3.10 1.33 18.00
C PHE A 200 2.71 2.23 19.18
N ILE A 201 3.27 3.44 19.30
CA ILE A 201 2.95 4.38 20.38
C ILE A 201 1.46 4.74 20.40
N PHE A 202 0.83 4.94 19.26
CA PHE A 202 -0.62 5.16 19.15
C PHE A 202 -1.44 4.06 19.84
N ARG A 203 -1.10 2.76 19.66
CA ARG A 203 -1.79 1.65 20.34
C ARG A 203 -1.46 1.53 21.81
N VAL A 204 -0.22 1.77 22.24
CA VAL A 204 0.11 1.84 23.67
C VAL A 204 -0.73 2.89 24.39
N LEU A 205 -0.91 4.09 23.81
CA LEU A 205 -1.79 5.12 24.36
C LEU A 205 -3.26 4.72 24.31
N ALA A 206 -3.73 4.07 23.24
CA ALA A 206 -5.10 3.58 23.12
C ALA A 206 -5.45 2.47 24.13
N VAL A 207 -4.46 1.78 24.70
CA VAL A 207 -4.65 0.98 25.92
C VAL A 207 -4.65 1.91 27.15
N TRP A 208 -3.50 2.49 27.47
CA TRP A 208 -3.24 3.07 28.80
C TRP A 208 -4.05 4.33 29.13
N ASN A 209 -4.52 5.07 28.12
CA ASN A 209 -5.37 6.26 28.27
C ASN A 209 -6.73 6.12 27.56
N ARG A 210 -7.14 4.90 27.20
CA ARG A 210 -8.46 4.57 26.62
C ARG A 210 -8.77 3.09 26.80
N ALA A 217 -6.56 3.06 13.05
CA ALA A 217 -7.37 4.25 12.82
C ALA A 217 -8.75 4.20 13.51
N LEU A 218 -9.46 5.33 13.50
CA LEU A 218 -10.73 5.49 14.23
C LEU A 218 -12.01 5.24 13.39
N PHE A 219 -11.88 5.14 12.06
CA PHE A 219 -12.98 5.11 11.08
C PHE A 219 -13.29 3.71 10.53
N LYS A 220 -12.98 2.65 11.29
CA LYS A 220 -13.04 1.24 10.87
C LYS A 220 -14.45 0.84 10.45
N THR A 221 -14.57 0.14 9.33
CA THR A 221 -15.84 -0.27 8.71
C THR A 221 -16.15 -1.76 8.93
N ARG A 222 -17.38 -2.18 8.63
CA ARG A 222 -17.89 -3.54 8.82
C ARG A 222 -18.87 -3.97 7.73
N PHE A 223 -18.50 -3.79 6.46
CA PHE A 223 -19.25 -4.29 5.31
C PHE A 223 -19.08 -5.81 5.13
N ARG A 224 -19.88 -6.42 4.25
CA ARG A 224 -19.73 -7.84 3.85
C ARG A 224 -18.31 -8.18 3.38
N LEU A 225 -17.83 -9.38 3.71
CA LEU A 225 -16.65 -9.97 3.07
C LEU A 225 -17.02 -10.77 1.80
N ASP A 226 -18.27 -11.22 1.67
CA ASP A 226 -18.77 -12.01 0.55
C ASP A 226 -19.61 -11.17 -0.42
N PHE A 227 -19.16 -11.10 -1.68
CA PHE A 227 -19.79 -10.37 -2.79
C PHE A 227 -20.25 -8.94 -2.44
N PRO A 228 -19.38 -8.07 -1.87
CA PRO A 228 -19.79 -6.70 -1.51
C PRO A 228 -20.20 -5.84 -2.71
N PHE A 229 -19.71 -6.11 -3.93
CA PHE A 229 -20.17 -5.47 -5.17
C PHE A 229 -20.15 -6.45 -6.35
N ASP A 230 -21.05 -6.27 -7.33
CA ASP A 230 -21.04 -7.01 -8.59
C ASP A 230 -20.15 -6.35 -9.66
N LEU A 231 -19.71 -7.13 -10.64
CA LEU A 231 -19.04 -6.62 -11.82
C LEU A 231 -19.95 -5.64 -12.60
N GLN A 232 -21.27 -5.81 -12.52
CA GLN A 232 -22.28 -4.91 -13.10
C GLN A 232 -22.24 -3.47 -12.55
N GLU A 233 -21.51 -3.22 -11.45
CA GLU A 233 -21.46 -1.92 -10.76
C GLU A 233 -20.21 -1.07 -11.06
N LEU A 234 -19.16 -1.59 -11.73
CA LEU A 234 -17.95 -0.80 -12.02
C LEU A 234 -18.20 0.53 -12.77
N PRO A 235 -19.20 0.67 -13.67
CA PRO A 235 -19.53 1.97 -14.27
C PRO A 235 -19.95 3.05 -13.26
N ALA A 236 -20.66 2.70 -12.18
CA ALA A 236 -21.04 3.65 -11.14
C ALA A 236 -19.82 4.12 -10.32
N PHE A 237 -18.86 3.24 -10.01
CA PHE A 237 -17.60 3.65 -9.42
C PHE A 237 -16.70 4.45 -10.39
N ALA A 238 -16.82 4.23 -11.70
CA ALA A 238 -16.11 5.01 -12.70
C ALA A 238 -16.65 6.43 -12.86
N VAL A 239 -17.98 6.60 -12.89
CA VAL A 239 -18.64 7.90 -12.91
C VAL A 239 -18.25 8.74 -11.71
N ILE A 240 -18.14 8.15 -10.52
CA ILE A 240 -17.60 8.83 -9.35
C ILE A 240 -16.19 9.32 -9.65
N GLY A 241 -15.29 8.51 -10.21
CA GLY A 241 -13.94 8.96 -10.56
C GLY A 241 -13.90 10.12 -11.57
N ILE A 242 -14.74 10.06 -12.60
CA ILE A 242 -14.80 11.09 -13.65
C ILE A 242 -15.36 12.40 -13.11
N ALA A 243 -16.51 12.37 -12.45
CA ALA A 243 -17.13 13.55 -11.83
C ALA A 243 -16.24 14.13 -10.72
N SER A 244 -15.56 13.26 -9.98
CA SER A 244 -14.57 13.64 -8.99
C SER A 244 -13.33 14.29 -9.60
N GLY A 245 -13.06 14.11 -10.89
CA GLY A 245 -11.96 14.78 -11.58
C GLY A 245 -12.27 16.23 -11.90
N PHE A 246 -13.46 16.52 -12.44
CA PHE A 246 -13.93 17.89 -12.66
C PHE A 246 -14.11 18.68 -11.36
N GLY A 247 -14.73 18.10 -10.33
CA GLY A 247 -14.90 18.75 -9.02
C GLY A 247 -13.58 19.06 -8.32
N GLY A 248 -12.60 18.16 -8.38
CA GLY A 248 -11.30 18.38 -7.77
C GLY A 248 -10.46 19.45 -8.49
N ALA A 249 -10.66 19.63 -9.80
CA ALA A 249 -10.10 20.75 -10.55
C ALA A 249 -10.82 22.07 -10.22
N LEU A 250 -12.15 22.09 -10.16
CA LEU A 250 -12.95 23.26 -9.81
C LEU A 250 -12.60 23.83 -8.44
N PHE A 251 -12.30 22.99 -7.44
CA PHE A 251 -11.90 23.45 -6.11
C PHE A 251 -10.60 24.28 -6.14
N VAL A 252 -9.59 23.85 -6.92
CA VAL A 252 -8.29 24.54 -7.01
C VAL A 252 -8.43 25.89 -7.73
N TYR A 253 -9.23 25.94 -8.79
CA TYR A 253 -9.60 27.17 -9.47
C TYR A 253 -10.35 28.15 -8.56
N LEU A 254 -11.43 27.71 -7.90
CA LEU A 254 -12.23 28.53 -7.00
C LEU A 254 -11.42 29.09 -5.82
N ASN A 255 -10.54 28.30 -5.23
CA ASN A 255 -9.62 28.81 -4.22
C ASN A 255 -8.76 29.95 -4.78
N ARG A 256 -8.17 29.79 -5.97
CA ARG A 256 -7.29 30.81 -6.58
C ARG A 256 -8.03 32.08 -6.92
N LYS A 257 -9.23 31.98 -7.53
CA LYS A 257 -10.09 33.13 -7.84
C LYS A 257 -10.45 33.95 -6.62
N ILE A 258 -10.80 33.33 -5.49
CA ILE A 258 -11.08 34.04 -4.23
C ILE A 258 -9.85 34.84 -3.76
N VAL A 259 -8.64 34.27 -3.83
CA VAL A 259 -7.42 35.01 -3.46
C VAL A 259 -7.09 36.14 -4.44
N GLN A 260 -7.32 35.95 -5.74
CA GLN A 260 -7.10 36.99 -6.75
C GLN A 260 -8.08 38.16 -6.59
N VAL A 261 -9.35 37.91 -6.28
CA VAL A 261 -10.34 38.98 -6.06
C VAL A 261 -10.00 39.80 -4.81
N MET A 262 -9.59 39.19 -3.69
CA MET A 262 -9.22 39.96 -2.49
C MET A 262 -7.90 40.74 -2.67
N ARG A 263 -7.03 40.37 -3.62
CA ARG A 263 -5.87 41.18 -4.05
C ARG A 263 -6.28 42.35 -4.95
N LYS A 264 -7.18 42.11 -5.91
CA LYS A 264 -7.58 43.04 -6.98
C LYS A 264 -8.23 44.34 -6.48
N GLN A 265 -9.26 44.23 -5.64
CA GLN A 265 -10.08 45.39 -5.24
C GLN A 265 -9.34 46.26 -4.20
N LYS A 266 -8.55 47.25 -4.66
CA LYS A 266 -7.56 47.98 -3.86
C LYS A 266 -8.12 48.65 -2.60
N THR A 267 -9.27 49.32 -2.69
CA THR A 267 -9.85 50.03 -1.54
C THR A 267 -10.29 49.05 -0.45
N ILE A 268 -10.98 47.96 -0.83
CA ILE A 268 -11.37 46.86 0.08
C ILE A 268 -10.12 46.20 0.68
N ASN A 269 -9.13 45.86 -0.15
CA ASN A 269 -7.86 45.27 0.25
C ASN A 269 -7.19 46.12 1.35
N ARG A 270 -6.94 47.41 1.11
CA ARG A 270 -6.30 48.28 2.11
C ARG A 270 -7.18 48.52 3.35
N PHE A 271 -8.49 48.69 3.19
CA PHE A 271 -9.42 48.82 4.29
C PHE A 271 -9.36 47.62 5.24
N LEU A 272 -9.46 46.39 4.71
CA LEU A 272 -9.31 45.18 5.51
C LEU A 272 -7.89 45.02 6.08
N MET A 273 -6.84 45.35 5.33
CA MET A 273 -5.45 45.19 5.79
C MET A 273 -5.11 46.08 7.00
N ARG A 274 -5.74 47.26 7.14
CA ARG A 274 -5.61 48.11 8.33
C ARG A 274 -6.25 47.49 9.58
N LYS A 275 -7.46 46.93 9.42
CA LYS A 275 -8.24 46.22 10.47
C LYS A 275 -8.26 44.69 10.23
N ARG A 276 -7.06 44.10 10.22
CA ARG A 276 -6.72 42.73 9.80
C ARG A 276 -7.63 41.60 10.31
N LEU A 277 -8.19 41.70 11.51
CA LEU A 277 -9.05 40.67 12.12
C LEU A 277 -10.49 40.67 11.58
N LEU A 278 -10.94 41.72 10.89
CA LEU A 278 -12.31 41.79 10.40
C LEU A 278 -12.64 40.71 9.36
N PHE A 279 -11.69 40.34 8.50
CA PHE A 279 -11.88 39.26 7.52
C PHE A 279 -12.08 37.87 8.14
N PRO A 280 -11.16 37.33 8.98
CA PRO A 280 -11.39 36.03 9.64
C PRO A 280 -12.57 36.03 10.62
N ALA A 281 -12.88 37.13 11.30
CA ALA A 281 -14.07 37.21 12.15
C ALA A 281 -15.37 37.14 11.33
N LEU A 282 -15.50 37.93 10.27
CA LEU A 282 -16.77 38.06 9.54
C LEU A 282 -17.10 36.82 8.71
N VAL A 283 -16.10 36.14 8.16
CA VAL A 283 -16.30 34.85 7.45
C VAL A 283 -16.68 33.73 8.42
N THR A 284 -16.07 33.66 9.60
CA THR A 284 -16.48 32.74 10.67
C THR A 284 -17.93 32.96 11.10
N LEU A 285 -18.36 34.23 11.21
CA LEU A 285 -19.71 34.58 11.57
C LEU A 285 -20.73 34.13 10.53
N LEU A 286 -20.47 34.33 9.23
CA LEU A 286 -21.36 33.86 8.17
C LEU A 286 -21.46 32.33 8.14
N ILE A 287 -20.33 31.60 8.24
CA ILE A 287 -20.35 30.14 8.27
C ILE A 287 -21.13 29.65 9.50
N SER A 288 -20.82 30.17 10.69
CA SER A 288 -21.49 29.77 11.93
C SER A 288 -22.99 30.05 11.88
N THR A 289 -23.40 31.20 11.33
CA THR A 289 -24.82 31.55 11.16
C THR A 289 -25.56 30.56 10.27
N LEU A 290 -24.96 30.10 9.16
CA LEU A 290 -25.55 29.07 8.29
C LEU A 290 -25.47 27.65 8.90
N THR A 291 -24.52 27.40 9.81
CA THR A 291 -24.35 26.11 10.49
C THR A 291 -25.27 25.94 11.71
N PHE A 292 -25.83 27.02 12.26
CA PHE A 292 -26.74 27.04 13.43
C PHE A 292 -27.94 26.07 13.26
N PRO A 293 -28.08 25.00 14.08
CA PRO A 293 -28.99 23.90 13.77
C PRO A 293 -30.49 24.25 13.75
N PRO A 294 -31.07 24.99 14.72
CA PRO A 294 -32.49 25.39 14.68
C PRO A 294 -32.87 26.30 13.49
N GLY A 295 -31.88 26.97 12.89
CA GLY A 295 -32.02 27.77 11.67
C GLY A 295 -31.87 26.92 10.41
N PHE A 296 -30.96 27.30 9.52
CA PHE A 296 -30.64 26.57 8.28
C PHE A 296 -29.80 25.29 8.52
N GLY A 297 -29.00 25.25 9.59
CA GLY A 297 -28.00 24.20 9.81
C GLY A 297 -28.55 22.76 9.85
N GLN A 298 -29.80 22.55 10.28
CA GLN A 298 -30.45 21.23 10.23
C GLN A 298 -30.53 20.63 8.82
N PHE A 299 -30.56 21.45 7.76
CA PHE A 299 -30.58 21.02 6.36
C PHE A 299 -29.20 20.68 5.80
N MET A 300 -28.15 20.74 6.61
CA MET A 300 -26.80 20.35 6.25
C MET A 300 -26.06 19.65 7.41
N ALA A 301 -26.79 18.95 8.29
CA ALA A 301 -26.27 18.23 9.45
C ALA A 301 -25.35 19.08 10.37
N GLY A 302 -25.66 20.37 10.55
CA GLY A 302 -24.79 21.34 11.22
C GLY A 302 -24.45 21.06 12.68
N GLN A 303 -25.20 20.16 13.33
CA GLN A 303 -24.96 19.71 14.70
C GLN A 303 -23.78 18.74 14.87
N LEU A 304 -23.33 18.04 13.82
CA LEU A 304 -22.20 17.10 13.87
C LEU A 304 -20.86 17.80 13.67
N SER A 305 -19.79 17.35 14.32
CA SER A 305 -18.41 17.71 13.97
C SER A 305 -17.97 17.06 12.65
N GLN A 306 -16.73 17.32 12.19
CA GLN A 306 -16.19 16.68 10.99
C GLN A 306 -15.99 15.17 11.17
N LYS A 307 -15.40 14.73 12.28
CA LYS A 307 -15.28 13.31 12.65
C LYS A 307 -16.65 12.65 12.79
N GLU A 308 -17.60 13.26 13.48
CA GLU A 308 -18.95 12.70 13.63
C GLU A 308 -19.68 12.60 12.30
N THR A 309 -19.56 13.59 11.43
CA THR A 309 -20.07 13.53 10.05
C THR A 309 -19.47 12.36 9.28
N LEU A 310 -18.15 12.20 9.26
CA LEU A 310 -17.49 11.15 8.48
C LEU A 310 -17.86 9.74 8.97
N VAL A 311 -17.89 9.53 10.28
CA VAL A 311 -18.37 8.28 10.91
C VAL A 311 -19.81 7.95 10.49
N THR A 312 -20.71 8.92 10.36
CA THR A 312 -22.04 8.63 9.79
C THR A 312 -21.99 8.31 8.29
N LEU A 313 -21.11 8.91 7.49
CA LEU A 313 -21.06 8.65 6.05
C LEU A 313 -20.54 7.23 5.73
N PHE A 314 -19.59 6.70 6.51
CA PHE A 314 -19.12 5.31 6.42
C PHE A 314 -20.00 4.26 7.16
N ASP A 315 -21.21 4.61 7.58
CA ASP A 315 -22.18 3.73 8.25
C ASP A 315 -22.51 2.45 7.42
N ASN A 316 -22.53 1.27 8.04
CA ASN A 316 -22.77 0.00 7.34
C ASN A 316 -24.25 -0.28 6.96
N ARG A 317 -25.23 0.51 7.38
CA ARG A 317 -26.63 0.38 6.91
C ARG A 317 -26.94 1.27 5.69
N THR A 318 -27.89 0.82 4.88
CA THR A 318 -28.55 1.62 3.83
C THR A 318 -29.54 2.58 4.47
N TRP A 319 -29.49 3.87 4.15
CA TRP A 319 -30.39 4.87 4.72
C TRP A 319 -31.75 4.95 4.00
N VAL A 320 -31.79 4.77 2.68
CA VAL A 320 -33.01 4.86 1.86
C VAL A 320 -33.97 3.66 1.99
N ARG A 321 -33.82 2.82 3.02
CA ARG A 321 -34.74 1.69 3.30
C ARG A 321 -36.18 2.20 3.46
N GLN A 322 -37.08 1.79 2.56
CA GLN A 322 -38.48 2.25 2.48
C GLN A 322 -39.40 1.11 2.02
N SER A 332 -29.66 5.85 15.77
CA SER A 332 -28.26 6.08 15.40
C SER A 332 -27.97 7.54 15.03
N THR A 333 -26.72 7.96 15.14
CA THR A 333 -26.28 9.36 14.84
C THR A 333 -26.56 9.75 13.38
N SER A 334 -26.66 8.77 12.50
CA SER A 334 -27.06 8.91 11.09
C SER A 334 -28.47 9.44 10.87
N GLN A 335 -29.30 9.56 11.92
CA GLN A 335 -30.60 10.25 11.86
C GLN A 335 -30.43 11.75 11.53
N ALA A 336 -29.28 12.35 11.86
CA ALA A 336 -28.94 13.74 11.59
C ALA A 336 -29.10 14.17 10.11
N TRP A 337 -29.05 13.23 9.18
CA TRP A 337 -29.22 13.45 7.74
C TRP A 337 -30.68 13.50 7.29
N ASN A 338 -31.65 13.28 8.19
CA ASN A 338 -33.08 13.24 7.90
C ASN A 338 -33.91 14.02 8.95
N PRO A 339 -33.78 15.37 9.02
CA PRO A 339 -34.67 16.20 9.83
C PRO A 339 -36.15 16.05 9.41
N PRO A 340 -37.13 16.46 10.24
CA PRO A 340 -38.56 16.30 9.93
C PRO A 340 -39.04 17.03 8.66
N ARG A 341 -38.28 18.00 8.16
CA ARG A 341 -38.62 18.86 7.00
C ARG A 341 -37.88 18.51 5.70
N ALA A 342 -36.86 17.64 5.70
CA ALA A 342 -36.11 17.26 4.50
C ALA A 342 -35.56 15.82 4.55
N ASN A 343 -35.54 15.13 3.41
CA ASN A 343 -35.01 13.77 3.28
C ASN A 343 -33.46 13.72 3.22
N VAL A 344 -32.92 12.50 3.15
CA VAL A 344 -31.48 12.20 3.07
C VAL A 344 -30.82 12.77 1.81
N PHE A 345 -31.45 12.65 0.64
CA PHE A 345 -30.87 13.11 -0.62
C PHE A 345 -30.71 14.63 -0.66
N LEU A 346 -31.79 15.34 -0.33
CA LEU A 346 -31.79 16.80 -0.27
C LEU A 346 -30.78 17.30 0.76
N THR A 347 -30.67 16.65 1.92
CA THR A 347 -29.66 17.00 2.92
C THR A 347 -28.23 16.71 2.44
N LEU A 348 -27.96 15.66 1.65
CA LEU A 348 -26.65 15.38 1.06
C LEU A 348 -26.27 16.40 -0.02
N VAL A 349 -27.21 16.73 -0.91
CA VAL A 349 -26.98 17.72 -1.97
C VAL A 349 -26.75 19.12 -1.40
N ILE A 350 -27.58 19.58 -0.45
CA ILE A 350 -27.37 20.85 0.25
C ILE A 350 -26.04 20.82 0.99
N PHE A 351 -25.71 19.74 1.69
CA PHE A 351 -24.41 19.59 2.34
C PHE A 351 -23.26 19.76 1.36
N ILE A 352 -23.28 19.06 0.22
CA ILE A 352 -22.21 19.09 -0.78
C ILE A 352 -21.98 20.52 -1.31
N LEU A 353 -23.03 21.17 -1.80
CA LEU A 353 -22.90 22.51 -2.40
C LEU A 353 -22.49 23.57 -1.39
N MET A 354 -23.09 23.60 -0.20
CA MET A 354 -22.72 24.56 0.85
C MET A 354 -21.31 24.32 1.39
N LYS A 355 -20.91 23.06 1.65
CA LYS A 355 -19.56 22.76 2.13
C LYS A 355 -18.50 23.07 1.10
N PHE A 356 -18.80 22.94 -0.20
CA PHE A 356 -17.84 23.20 -1.26
C PHE A 356 -17.35 24.65 -1.25
N TRP A 357 -18.25 25.64 -1.34
CA TRP A 357 -17.85 27.05 -1.26
C TRP A 357 -17.35 27.44 0.13
N MET A 358 -17.96 26.94 1.22
CA MET A 358 -17.48 27.22 2.58
C MET A 358 -16.03 26.75 2.80
N SER A 359 -15.64 25.60 2.26
CA SER A 359 -14.29 25.04 2.44
C SER A 359 -13.25 25.70 1.54
N ALA A 360 -13.59 26.03 0.30
CA ALA A 360 -12.72 26.80 -0.58
C ALA A 360 -12.40 28.17 0.01
N LEU A 361 -13.41 28.85 0.58
CA LEU A 361 -13.26 30.13 1.28
C LEU A 361 -12.55 30.01 2.63
N ALA A 362 -12.98 29.15 3.55
CA ALA A 362 -12.41 29.05 4.89
C ALA A 362 -10.91 28.73 4.89
N THR A 363 -10.42 27.94 3.93
CA THR A 363 -8.99 27.62 3.81
C THR A 363 -8.13 28.80 3.33
N THR A 364 -8.71 29.94 2.92
CA THR A 364 -7.98 31.20 2.63
C THR A 364 -7.76 32.11 3.84
N ILE A 365 -8.42 31.90 4.99
CA ILE A 365 -8.40 32.86 6.09
C ILE A 365 -7.07 32.84 6.87
N PRO A 366 -6.65 33.93 7.55
CA PRO A 366 -5.31 34.06 8.16
C PRO A 366 -4.98 33.20 9.39
N VAL A 367 -5.36 31.92 9.41
CA VAL A 367 -5.14 30.96 10.52
C VAL A 367 -4.36 29.71 10.06
N PRO A 368 -3.60 29.04 10.93
CA PRO A 368 -2.96 27.74 10.62
C PRO A 368 -3.97 26.66 10.21
N CYS A 369 -4.07 26.30 8.93
CA CYS A 369 -5.03 25.29 8.45
C CYS A 369 -4.59 24.53 7.19
N GLY A 370 -4.89 23.23 7.12
CA GLY A 370 -4.76 22.37 5.94
C GLY A 370 -6.09 22.28 5.18
N ALA A 371 -6.23 21.33 4.26
CA ALA A 371 -7.43 21.22 3.43
C ALA A 371 -7.85 19.78 3.05
N PHE A 372 -7.21 18.72 3.53
CA PHE A 372 -7.58 17.35 3.13
C PHE A 372 -8.94 16.86 3.69
N MET A 373 -9.20 16.93 5.01
CA MET A 373 -10.48 16.51 5.61
C MET A 373 -11.70 17.20 5.00
N PRO A 374 -11.71 18.52 4.74
CA PRO A 374 -12.81 19.17 4.04
C PRO A 374 -13.15 18.57 2.67
N VAL A 375 -12.16 18.21 1.84
CA VAL A 375 -12.42 17.60 0.53
C VAL A 375 -12.74 16.12 0.65
N PHE A 376 -12.14 15.40 1.58
CA PHE A 376 -12.43 14.00 1.87
C PHE A 376 -13.91 13.80 2.27
N VAL A 377 -14.45 14.68 3.12
CA VAL A 377 -15.86 14.68 3.56
C VAL A 377 -16.85 15.03 2.45
N ILE A 378 -16.57 16.03 1.59
CA ILE A 378 -17.45 16.33 0.45
C ILE A 378 -17.49 15.14 -0.52
N GLY A 379 -16.33 14.48 -0.75
CA GLY A 379 -16.25 13.25 -1.52
C GLY A 379 -17.02 12.10 -0.89
N ALA A 380 -16.96 11.93 0.42
CA ALA A 380 -17.76 10.95 1.15
C ALA A 380 -19.27 11.19 1.01
N ALA A 381 -19.73 12.43 1.05
CA ALA A 381 -21.14 12.77 0.84
C ALA A 381 -21.57 12.57 -0.60
N PHE A 382 -20.74 12.93 -1.57
CA PHE A 382 -20.98 12.68 -2.98
C PHE A 382 -20.97 11.18 -3.31
N GLY A 383 -20.04 10.42 -2.73
CA GLY A 383 -20.02 8.98 -2.83
C GLY A 383 -21.25 8.33 -2.20
N ARG A 384 -21.59 8.67 -0.95
CA ARG A 384 -22.82 8.20 -0.28
C ARG A 384 -24.07 8.56 -1.07
N LEU A 385 -24.12 9.74 -1.68
CA LEU A 385 -25.21 10.15 -2.55
C LEU A 385 -25.38 9.21 -3.74
N VAL A 386 -24.29 8.79 -4.38
CA VAL A 386 -24.36 7.83 -5.51
C VAL A 386 -24.71 6.42 -5.00
N GLY A 387 -24.11 5.98 -3.90
CA GLY A 387 -24.42 4.69 -3.28
C GLY A 387 -25.89 4.56 -2.89
N GLU A 388 -26.46 5.57 -2.21
CA GLU A 388 -27.87 5.59 -1.84
C GLU A 388 -28.79 5.70 -3.06
N SER A 389 -28.38 6.40 -4.11
CA SER A 389 -29.10 6.39 -5.38
C SER A 389 -29.13 4.99 -6.00
N MET A 390 -28.01 4.27 -5.97
CA MET A 390 -27.96 2.89 -6.48
C MET A 390 -28.84 1.95 -5.65
N ALA A 391 -28.70 2.01 -4.32
CA ALA A 391 -29.53 1.25 -3.41
C ALA A 391 -31.04 1.58 -3.51
N ALA A 392 -31.41 2.80 -3.90
CA ALA A 392 -32.81 3.13 -4.21
C ALA A 392 -33.25 2.56 -5.55
N TRP A 393 -32.37 2.50 -6.56
CA TRP A 393 -32.71 2.01 -7.90
C TRP A 393 -32.76 0.47 -7.96
N PHE A 394 -31.97 -0.21 -7.12
CA PHE A 394 -31.81 -1.67 -7.06
C PHE A 394 -32.12 -2.22 -5.65
N PRO A 395 -33.41 -2.37 -5.28
CA PRO A 395 -33.82 -2.68 -3.90
C PRO A 395 -33.41 -4.08 -3.40
N ASP A 396 -33.25 -5.04 -4.31
CA ASP A 396 -32.94 -6.45 -4.03
C ASP A 396 -31.61 -6.90 -4.68
N GLY A 397 -30.70 -5.96 -4.92
CA GLY A 397 -29.47 -6.19 -5.67
C GLY A 397 -29.56 -5.80 -7.14
N ILE A 398 -28.38 -5.57 -7.73
CA ILE A 398 -28.17 -5.12 -9.11
C ILE A 398 -28.65 -6.14 -10.16
N SER A 403 -32.58 -10.72 -5.17
CA SER A 403 -31.46 -11.60 -4.84
C SER A 403 -31.08 -11.57 -3.36
N THR A 404 -30.19 -12.48 -2.94
CA THR A 404 -29.68 -12.54 -1.55
C THR A 404 -28.78 -11.35 -1.19
N TYR A 405 -28.15 -10.69 -2.16
CA TYR A 405 -27.20 -9.59 -1.93
C TYR A 405 -27.74 -8.23 -2.38
N ARG A 406 -27.84 -7.29 -1.44
CA ARG A 406 -28.16 -5.87 -1.67
C ARG A 406 -26.89 -5.00 -1.81
N ILE A 407 -27.04 -3.79 -2.32
CA ILE A 407 -25.98 -2.78 -2.47
C ILE A 407 -25.48 -2.30 -1.10
N VAL A 408 -24.23 -1.82 -1.02
CA VAL A 408 -23.60 -1.33 0.21
C VAL A 408 -23.20 0.14 0.05
N PRO A 409 -24.07 1.12 0.36
CA PRO A 409 -23.80 2.53 0.05
C PRO A 409 -22.57 3.11 0.74
N GLY A 410 -22.20 2.58 1.90
CA GLY A 410 -21.02 3.02 2.64
C GLY A 410 -19.70 2.69 1.94
N GLY A 411 -19.67 1.74 1.00
CA GLY A 411 -18.50 1.46 0.16
C GLY A 411 -18.31 2.50 -0.95
N TYR A 412 -19.39 2.97 -1.55
CA TYR A 412 -19.36 4.10 -2.48
C TYR A 412 -18.88 5.40 -1.82
N ALA A 413 -19.20 5.64 -0.55
CA ALA A 413 -18.65 6.75 0.23
C ALA A 413 -17.13 6.65 0.43
N VAL A 414 -16.59 5.46 0.63
CA VAL A 414 -15.14 5.22 0.70
C VAL A 414 -14.47 5.48 -0.66
N VAL A 415 -15.10 5.06 -1.76
CA VAL A 415 -14.61 5.30 -3.12
C VAL A 415 -14.61 6.79 -3.47
N GLY A 416 -15.72 7.49 -3.29
CA GLY A 416 -15.82 8.92 -3.58
C GLY A 416 -14.92 9.78 -2.72
N ALA A 417 -14.71 9.43 -1.45
CA ALA A 417 -13.80 10.13 -0.58
C ALA A 417 -12.34 9.98 -0.99
N ALA A 418 -11.93 8.81 -1.47
CA ALA A 418 -10.59 8.54 -1.97
C ALA A 418 -10.31 9.23 -3.32
N ALA A 419 -11.30 9.24 -4.23
CA ALA A 419 -11.19 9.85 -5.54
C ALA A 419 -11.04 11.38 -5.50
N LEU A 420 -11.89 12.10 -4.77
CA LEU A 420 -11.87 13.57 -4.74
C LEU A 420 -10.67 14.11 -3.98
N ALA A 421 -10.22 13.48 -2.91
CA ALA A 421 -8.97 13.87 -2.28
C ALA A 421 -7.74 13.63 -3.17
N GLY A 422 -7.75 12.63 -4.07
CA GLY A 422 -6.69 12.40 -5.04
C GLY A 422 -6.67 13.41 -6.19
N ALA A 423 -7.83 13.74 -6.74
CA ALA A 423 -7.99 14.77 -7.77
C ALA A 423 -7.65 16.21 -7.33
N VAL A 424 -7.80 16.57 -6.05
CA VAL A 424 -7.39 17.88 -5.53
C VAL A 424 -5.88 17.92 -5.31
N THR A 425 -5.31 16.85 -4.78
CA THR A 425 -3.91 16.81 -4.36
C THR A 425 -2.94 16.33 -5.44
N HIS A 426 -3.44 15.78 -6.55
CA HIS A 426 -2.69 15.05 -7.59
C HIS A 426 -1.86 13.92 -6.99
N THR A 427 -2.56 12.98 -6.37
CA THR A 427 -1.99 11.76 -5.81
C THR A 427 -2.85 10.56 -6.14
N VAL A 428 -2.29 9.36 -6.12
CA VAL A 428 -3.07 8.11 -6.25
C VAL A 428 -3.06 7.29 -4.96
N SER A 429 -2.04 7.48 -4.13
CA SER A 429 -1.91 6.90 -2.80
C SER A 429 -3.02 7.21 -1.79
N THR A 430 -4.01 8.05 -2.11
CA THR A 430 -5.27 8.09 -1.36
C THR A 430 -6.01 6.74 -1.39
N ALA A 431 -5.77 5.89 -2.38
CA ALA A 431 -6.25 4.50 -2.40
C ALA A 431 -5.69 3.68 -1.22
N VAL A 432 -4.38 3.79 -0.93
CA VAL A 432 -3.73 3.06 0.16
C VAL A 432 -4.17 3.57 1.53
N ILE A 433 -4.29 4.90 1.70
CA ILE A 433 -4.78 5.55 2.92
C ILE A 433 -6.18 5.02 3.29
N VAL A 434 -7.08 4.90 2.33
CA VAL A 434 -8.48 4.56 2.62
C VAL A 434 -8.66 3.13 3.16
N PHE A 435 -7.81 2.17 2.77
CA PHE A 435 -7.84 0.82 3.31
C PHE A 435 -7.35 0.76 4.75
N GLU A 436 -6.30 1.50 5.10
CA GLU A 436 -5.82 1.57 6.48
C GLU A 436 -6.81 2.26 7.43
N LEU A 437 -7.43 3.38 7.02
CA LEU A 437 -8.52 4.04 7.75
C LEU A 437 -9.70 3.10 7.97
N THR A 438 -10.23 2.51 6.91
CA THR A 438 -11.46 1.71 6.99
C THR A 438 -11.24 0.31 7.53
N GLY A 439 -9.98 -0.16 7.63
CA GLY A 439 -9.61 -1.48 8.15
C GLY A 439 -9.95 -2.65 7.23
N GLN A 440 -10.31 -2.39 5.98
CA GLN A 440 -10.80 -3.36 5.01
C GLN A 440 -10.24 -3.05 3.62
N ILE A 441 -10.05 -4.09 2.80
CA ILE A 441 -9.43 -4.00 1.47
C ILE A 441 -10.28 -4.66 0.37
N ALA A 442 -11.56 -4.94 0.64
CA ALA A 442 -12.48 -5.57 -0.31
C ALA A 442 -12.90 -4.68 -1.50
N HIS A 443 -12.93 -3.34 -1.34
CA HIS A 443 -13.31 -2.37 -2.38
C HIS A 443 -12.13 -1.91 -3.26
N ILE A 444 -10.99 -2.62 -3.22
CA ILE A 444 -9.75 -2.19 -3.87
C ILE A 444 -9.86 -1.90 -5.37
N LEU A 445 -10.51 -2.75 -6.17
CA LEU A 445 -10.70 -2.48 -7.60
C LEU A 445 -11.55 -1.22 -7.85
N PRO A 446 -12.76 -1.07 -7.26
CA PRO A 446 -13.53 0.17 -7.33
C PRO A 446 -12.73 1.43 -6.97
N VAL A 447 -11.98 1.40 -5.87
CA VAL A 447 -11.18 2.53 -5.42
C VAL A 447 -10.15 2.93 -6.46
N MET A 448 -9.36 1.99 -7.00
CA MET A 448 -8.31 2.31 -7.98
C MET A 448 -8.85 2.82 -9.31
N ILE A 449 -9.96 2.29 -9.82
CA ILE A 449 -10.61 2.79 -11.03
C ILE A 449 -11.10 4.22 -10.83
N ALA A 450 -11.79 4.52 -9.72
CA ALA A 450 -12.25 5.88 -9.44
C ALA A 450 -11.09 6.86 -9.29
N VAL A 451 -10.04 6.50 -8.54
CA VAL A 451 -8.84 7.33 -8.37
C VAL A 451 -8.13 7.62 -9.70
N ILE A 452 -7.86 6.61 -10.53
CA ILE A 452 -7.18 6.79 -11.83
C ILE A 452 -8.01 7.65 -12.79
N LEU A 453 -9.32 7.47 -12.88
CA LEU A 453 -10.16 8.39 -13.66
C LEU A 453 -10.14 9.81 -13.11
N ALA A 454 -10.17 9.98 -11.79
CA ALA A 454 -10.16 11.29 -11.19
C ALA A 454 -8.86 12.05 -11.46
N ASN A 455 -7.70 11.41 -11.38
CA ASN A 455 -6.42 12.05 -11.74
C ASN A 455 -6.28 12.32 -13.25
N ALA A 456 -6.69 11.41 -14.13
CA ALA A 456 -6.64 11.62 -15.58
C ALA A 456 -7.52 12.80 -16.03
N VAL A 457 -8.71 12.95 -15.45
CA VAL A 457 -9.60 14.08 -15.74
C VAL A 457 -9.06 15.37 -15.13
N ALA A 458 -8.55 15.35 -13.90
CA ALA A 458 -8.10 16.57 -13.21
C ALA A 458 -6.78 17.12 -13.75
N GLN A 459 -5.73 16.31 -13.97
CA GLN A 459 -4.43 16.79 -14.45
C GLN A 459 -4.46 17.42 -15.86
N SER A 460 -5.48 17.07 -16.65
CA SER A 460 -5.77 17.67 -17.95
C SER A 460 -6.32 19.10 -17.86
N LEU A 461 -6.69 19.59 -16.67
CA LEU A 461 -7.41 20.85 -16.47
C LEU A 461 -6.70 21.86 -15.56
N GLN A 462 -6.11 21.43 -14.44
CA GLN A 462 -5.57 22.32 -13.39
C GLN A 462 -4.31 21.74 -12.74
N PRO A 463 -3.45 22.58 -12.12
CA PRO A 463 -2.38 22.12 -11.23
C PRO A 463 -2.94 21.49 -9.94
N SER A 464 -2.05 20.91 -9.13
CA SER A 464 -2.38 20.49 -7.77
C SER A 464 -2.71 21.70 -6.91
N LEU A 465 -3.55 21.54 -5.88
CA LEU A 465 -3.78 22.59 -4.89
C LEU A 465 -2.48 23.15 -4.32
N TYR A 466 -1.46 22.33 -4.09
CA TYR A 466 -0.19 22.78 -3.53
C TYR A 466 0.67 23.56 -4.52
N ASP A 467 0.62 23.21 -5.80
CA ASP A 467 1.29 23.95 -6.86
C ASP A 467 0.60 25.28 -7.12
N SER A 468 -0.73 25.29 -7.11
CA SER A 468 -1.54 26.50 -7.19
C SER A 468 -1.20 27.49 -6.08
N ILE A 469 -0.99 27.02 -4.84
CA ILE A 469 -0.51 27.88 -3.75
C ILE A 469 0.91 28.39 -4.01
N ILE A 470 1.81 27.59 -4.57
CA ILE A 470 3.16 28.04 -4.98
C ILE A 470 3.12 29.16 -6.03
N ARG A 471 2.19 29.10 -6.99
CA ARG A 471 1.96 30.19 -7.95
C ARG A 471 1.38 31.44 -7.27
N ILE A 472 0.35 31.29 -6.43
CA ILE A 472 -0.28 32.39 -5.68
C ILE A 472 0.73 33.10 -4.77
N LYS A 473 1.60 32.36 -4.08
CA LYS A 473 2.60 32.91 -3.15
C LYS A 473 3.90 33.38 -3.81
N LYS A 474 3.99 33.36 -5.15
CA LYS A 474 5.20 33.72 -5.94
C LYS A 474 6.46 32.98 -5.45
N LEU A 475 6.35 31.67 -5.20
CA LEU A 475 7.47 30.79 -4.87
C LEU A 475 8.16 30.27 -6.16
N PRO A 476 9.42 29.81 -6.09
CA PRO A 476 10.13 29.18 -7.21
C PRO A 476 9.49 27.89 -7.76
N TYR A 477 8.63 28.05 -8.76
CA TYR A 477 7.87 26.98 -9.40
C TYR A 477 8.73 26.12 -10.33
N LEU A 478 8.31 24.88 -10.59
CA LEU A 478 8.96 23.93 -11.50
C LEU A 478 7.90 22.93 -12.00
N PRO A 479 7.30 23.11 -13.20
CA PRO A 479 6.11 22.39 -13.60
C PRO A 479 6.29 20.86 -13.61
N GLY B 1 -3.23 11.15 -25.79
CA GLY B 1 -1.82 10.77 -25.76
C GLY B 1 -1.64 9.29 -26.08
N GLU B 2 -0.75 8.95 -27.00
CA GLU B 2 -0.55 7.58 -27.48
C GLU B 2 -0.06 6.60 -26.38
N ASP B 3 0.65 7.12 -25.38
CA ASP B 3 1.20 6.36 -24.26
C ASP B 3 0.11 5.70 -23.38
N TRP B 4 -1.08 6.31 -23.28
CA TRP B 4 -2.21 5.71 -22.60
C TRP B 4 -2.94 4.65 -23.43
N ILE B 5 -2.66 4.50 -24.72
CA ILE B 5 -3.08 3.31 -25.50
C ILE B 5 -2.06 2.18 -25.31
N PHE B 6 -0.77 2.51 -25.30
CA PHE B 6 0.28 1.54 -25.00
C PHE B 6 0.08 0.86 -23.64
N LEU B 7 -0.19 1.60 -22.57
CA LEU B 7 -0.37 1.02 -21.21
C LEU B 7 -1.64 0.18 -21.00
N VAL B 8 -2.74 0.39 -21.72
CA VAL B 8 -3.89 -0.54 -21.66
C VAL B 8 -3.62 -1.82 -22.44
N LEU B 9 -2.88 -1.76 -23.55
CA LEU B 9 -2.50 -2.98 -24.29
C LEU B 9 -1.43 -3.78 -23.54
N LEU B 10 -0.44 -3.13 -22.93
CA LEU B 10 0.54 -3.78 -22.05
C LEU B 10 -0.14 -4.47 -20.86
N GLY B 11 -1.15 -3.85 -20.25
CA GLY B 11 -1.93 -4.44 -19.17
C GLY B 11 -2.83 -5.59 -19.61
N LEU B 12 -3.43 -5.52 -20.81
CA LEU B 12 -4.28 -6.58 -21.36
C LEU B 12 -3.49 -7.86 -21.68
N LEU B 13 -2.36 -7.75 -22.38
CA LEU B 13 -1.61 -8.91 -22.85
C LEU B 13 -0.93 -9.68 -21.71
N MET B 14 -0.38 -9.00 -20.70
CA MET B 14 0.19 -9.70 -19.54
C MET B 14 -0.85 -10.44 -18.68
N ALA B 15 -2.09 -9.95 -18.60
CA ALA B 15 -3.17 -10.68 -17.94
C ALA B 15 -3.50 -11.98 -18.70
N LEU B 16 -3.59 -11.94 -20.03
CA LEU B 16 -3.84 -13.14 -20.84
C LEU B 16 -2.69 -14.15 -20.76
N VAL B 17 -1.44 -13.69 -20.94
CA VAL B 17 -0.24 -14.53 -20.84
C VAL B 17 -0.09 -15.19 -19.47
N SER B 18 -0.36 -14.48 -18.38
CA SER B 18 -0.36 -15.05 -17.02
C SER B 18 -1.44 -16.12 -16.82
N TRP B 19 -2.66 -15.85 -17.25
CA TRP B 19 -3.78 -16.77 -17.09
C TRP B 19 -3.61 -18.05 -17.93
N VAL B 20 -3.04 -17.94 -19.14
CA VAL B 20 -2.72 -19.10 -19.98
C VAL B 20 -1.58 -19.94 -19.38
N MET B 21 -0.53 -19.32 -18.83
CA MET B 21 0.52 -20.08 -18.15
C MET B 21 -0.03 -20.79 -16.91
N ASP B 22 -0.82 -20.13 -16.06
CA ASP B 22 -1.37 -20.76 -14.86
C ASP B 22 -2.28 -21.95 -15.16
N TYR B 23 -3.08 -21.89 -16.22
CA TYR B 23 -3.91 -23.01 -16.63
C TYR B 23 -3.08 -24.24 -17.06
N ALA B 24 -1.95 -24.02 -17.73
CA ALA B 24 -1.05 -25.09 -18.16
C ALA B 24 -0.22 -25.66 -17.01
N ILE B 25 0.21 -24.85 -16.04
CA ILE B 25 0.92 -25.31 -14.84
C ILE B 25 0.02 -26.20 -13.97
N ALA B 26 -1.24 -25.82 -13.75
CA ALA B 26 -2.19 -26.60 -12.97
C ALA B 26 -2.42 -28.00 -13.58
N ALA B 27 -2.62 -28.09 -14.89
CA ALA B 27 -2.83 -29.36 -15.59
C ALA B 27 -1.62 -30.32 -15.46
N CYS B 28 -0.39 -29.80 -15.44
CA CYS B 28 0.80 -30.61 -15.20
C CYS B 28 0.87 -31.16 -13.77
N LEU B 29 0.57 -30.35 -12.75
CA LEU B 29 0.60 -30.78 -11.34
C LEU B 29 -0.52 -31.78 -11.01
N GLN B 30 -1.70 -31.61 -11.59
CA GLN B 30 -2.82 -32.53 -11.46
C GLN B 30 -2.52 -33.91 -12.05
N ALA B 31 -1.82 -33.97 -13.19
CA ALA B 31 -1.47 -35.24 -13.84
C ALA B 31 -0.52 -36.10 -12.99
N GLN B 32 0.39 -35.49 -12.22
CA GLN B 32 1.24 -36.21 -11.26
C GLN B 32 0.41 -36.93 -10.19
N GLN B 33 -0.59 -36.26 -9.62
CA GLN B 33 -1.46 -36.82 -8.58
C GLN B 33 -2.39 -37.89 -9.14
N TRP B 34 -3.00 -37.66 -10.31
CA TRP B 34 -3.79 -38.68 -11.03
C TRP B 34 -2.99 -39.95 -11.31
N MET B 35 -1.75 -39.80 -11.79
CA MET B 35 -0.83 -40.91 -12.04
C MET B 35 -0.47 -41.66 -10.76
N SER B 36 -0.22 -40.96 -9.64
CA SER B 36 0.03 -41.59 -8.34
C SER B 36 -1.19 -42.40 -7.86
N ARG B 37 -2.38 -41.81 -7.91
CA ARG B 37 -3.65 -42.45 -7.53
C ARG B 37 -3.99 -43.66 -8.41
N GLY B 38 -3.61 -43.63 -9.69
CA GLY B 38 -3.72 -44.77 -10.59
C GLY B 38 -2.74 -45.91 -10.27
N LEU B 39 -1.48 -45.57 -9.97
CA LEU B 39 -0.38 -46.53 -9.79
C LEU B 39 -0.17 -46.98 -8.34
N ASN B 40 -1.20 -46.93 -7.50
CA ASN B 40 -1.22 -47.52 -6.16
C ASN B 40 -1.27 -49.08 -6.17
N THR B 41 -1.01 -49.70 -7.33
CA THR B 41 -0.92 -51.15 -7.54
C THR B 41 0.36 -51.77 -6.96
N SER B 42 1.47 -51.02 -6.94
CA SER B 42 2.72 -51.39 -6.26
C SER B 42 3.49 -50.14 -5.83
N ILE B 43 4.18 -50.18 -4.69
CA ILE B 43 5.01 -49.07 -4.21
C ILE B 43 6.15 -48.75 -5.20
N LEU B 44 6.72 -49.74 -5.88
CA LEU B 44 7.78 -49.50 -6.86
C LEU B 44 7.25 -48.89 -8.16
N LEU B 45 6.05 -49.26 -8.62
CA LEU B 45 5.44 -48.62 -9.79
C LEU B 45 4.99 -47.19 -9.46
N GLN B 46 4.50 -46.95 -8.25
CA GLN B 46 4.19 -45.60 -7.78
C GLN B 46 5.46 -44.75 -7.62
N TYR B 47 6.56 -45.29 -7.09
CA TYR B 47 7.84 -44.60 -6.98
C TYR B 47 8.46 -44.26 -8.34
N LEU B 48 8.49 -45.22 -9.27
CA LEU B 48 9.01 -45.04 -10.62
C LEU B 48 8.29 -43.88 -11.32
N ALA B 49 6.97 -43.84 -11.22
CA ALA B 49 6.14 -42.79 -11.79
C ALA B 49 6.34 -41.40 -11.12
N TRP B 50 6.53 -41.37 -9.81
CA TRP B 50 6.81 -40.15 -9.04
C TRP B 50 8.17 -39.52 -9.35
N VAL B 51 9.23 -40.30 -9.58
CA VAL B 51 10.54 -39.75 -9.94
C VAL B 51 10.66 -39.46 -11.44
N THR B 52 10.05 -40.26 -12.31
CA THR B 52 10.21 -40.11 -13.77
C THR B 52 9.56 -38.85 -14.31
N TYR B 53 8.29 -38.61 -14.03
CA TYR B 53 7.55 -37.47 -14.59
C TYR B 53 8.19 -36.08 -14.33
N PRO B 54 8.69 -35.76 -13.13
CA PRO B 54 9.47 -34.55 -12.89
C PRO B 54 10.76 -34.46 -13.71
N VAL B 55 11.54 -35.54 -13.80
CA VAL B 55 12.81 -35.55 -14.54
C VAL B 55 12.59 -35.35 -16.03
N VAL B 56 11.52 -35.89 -16.60
CA VAL B 56 11.14 -35.66 -18.00
C VAL B 56 10.78 -34.20 -18.26
N LEU B 57 9.97 -33.56 -17.40
CA LEU B 57 9.63 -32.14 -17.55
C LEU B 57 10.83 -31.21 -17.36
N ILE B 58 11.71 -31.45 -16.38
CA ILE B 58 12.91 -30.62 -16.22
C ILE B 58 13.92 -30.84 -17.36
N THR B 59 14.12 -32.07 -17.82
CA THR B 59 15.03 -32.34 -18.94
C THR B 59 14.55 -31.68 -20.22
N PHE B 60 13.25 -31.76 -20.53
CA PHE B 60 12.68 -31.03 -21.65
C PHE B 60 12.81 -29.51 -21.49
N SER B 61 12.60 -28.96 -20.30
CA SER B 61 12.76 -27.52 -20.06
C SER B 61 14.19 -27.06 -20.36
N ALA B 62 15.21 -27.74 -19.84
CA ALA B 62 16.61 -27.37 -20.08
C ALA B 62 17.00 -27.53 -21.56
N GLY B 63 16.64 -28.65 -22.20
CA GLY B 63 16.94 -28.92 -23.60
C GLY B 63 16.26 -27.95 -24.55
N PHE B 64 14.95 -27.73 -24.43
CA PHE B 64 14.23 -26.77 -25.26
C PHE B 64 14.76 -25.34 -25.10
N THR B 65 15.10 -24.92 -23.88
CA THR B 65 15.68 -23.61 -23.62
C THR B 65 17.04 -23.45 -24.30
N GLN B 66 17.91 -24.47 -24.21
CA GLN B 66 19.22 -24.47 -24.86
C GLN B 66 19.12 -24.40 -26.40
N ILE B 67 18.11 -25.02 -27.00
CA ILE B 67 17.90 -25.01 -28.45
C ILE B 67 17.40 -23.65 -28.96
N LEU B 68 16.40 -23.00 -28.33
CA LEU B 68 15.91 -21.70 -28.80
C LEU B 68 16.74 -20.50 -28.35
N ALA B 69 17.10 -20.41 -27.07
CA ALA B 69 17.58 -19.17 -26.46
C ALA B 69 18.29 -19.44 -25.12
N PRO B 70 19.59 -19.77 -25.12
CA PRO B 70 20.35 -19.96 -23.88
C PRO B 70 20.35 -18.74 -22.93
N GLN B 71 19.91 -17.55 -23.37
CA GLN B 71 19.76 -16.36 -22.52
C GLN B 71 18.57 -16.48 -21.54
N ALA B 72 17.61 -17.36 -21.81
CA ALA B 72 16.37 -17.52 -21.08
C ALA B 72 16.47 -18.33 -19.78
N VAL B 73 17.65 -18.74 -19.32
CA VAL B 73 17.81 -19.40 -18.00
C VAL B 73 17.86 -18.36 -16.87
N GLY B 74 17.36 -18.71 -15.68
CA GLY B 74 17.30 -17.81 -14.52
C GLY B 74 16.19 -16.76 -14.59
N SER B 75 16.32 -15.70 -13.80
CA SER B 75 15.30 -14.67 -13.54
C SER B 75 15.50 -13.37 -14.34
N GLY B 76 14.43 -12.67 -14.70
CA GLY B 76 14.50 -11.38 -15.41
C GLY B 76 15.09 -10.22 -14.63
N ILE B 77 14.65 -10.04 -13.38
CA ILE B 77 14.97 -8.88 -12.53
C ILE B 77 16.45 -8.47 -12.56
N PRO B 78 17.44 -9.35 -12.33
CA PRO B 78 18.84 -8.95 -12.32
C PRO B 78 19.37 -8.47 -13.69
N GLU B 79 18.81 -8.90 -14.82
CA GLU B 79 19.10 -8.27 -16.10
C GLU B 79 18.36 -6.96 -16.28
N MET B 80 17.06 -6.91 -16.00
CA MET B 80 16.25 -5.70 -16.19
C MET B 80 16.78 -4.52 -15.38
N LYS B 81 17.29 -4.76 -14.17
CA LYS B 81 17.99 -3.75 -13.36
C LYS B 81 19.20 -3.13 -14.09
N THR B 82 19.82 -3.85 -15.02
CA THR B 82 20.93 -3.34 -15.85
C THR B 82 20.49 -2.80 -17.21
N ILE B 83 19.44 -3.34 -17.83
CA ILE B 83 18.86 -2.77 -19.06
C ILE B 83 18.26 -1.38 -18.79
N LEU B 84 17.50 -1.18 -17.72
CA LEU B 84 16.99 0.15 -17.33
C LEU B 84 18.10 1.13 -16.93
N ARG B 85 19.24 0.64 -16.43
CA ARG B 85 20.49 1.42 -16.22
C ARG B 85 21.26 1.73 -17.52
N GLY B 86 20.68 1.41 -18.68
CA GLY B 86 21.10 1.87 -20.01
C GLY B 86 22.00 0.91 -20.79
N VAL B 87 22.21 -0.31 -20.32
CA VAL B 87 23.18 -1.27 -20.90
C VAL B 87 22.47 -2.25 -21.84
N VAL B 88 22.91 -2.33 -23.09
CA VAL B 88 22.35 -3.23 -24.11
C VAL B 88 22.82 -4.67 -23.89
N LEU B 89 21.90 -5.64 -23.98
CA LEU B 89 22.15 -7.08 -23.89
C LEU B 89 21.80 -7.78 -25.22
N LYS B 90 22.48 -8.91 -25.47
CA LYS B 90 22.77 -9.48 -26.80
C LYS B 90 21.56 -9.85 -27.66
N GLU B 91 20.56 -10.53 -27.09
CA GLU B 91 19.37 -11.02 -27.81
C GLU B 91 18.09 -10.96 -26.92
N TYR B 92 18.18 -10.27 -25.78
CA TYR B 92 17.38 -10.56 -24.57
C TYR B 92 15.87 -10.37 -24.72
N LEU B 93 15.42 -9.39 -25.50
CA LEU B 93 13.99 -9.08 -25.70
C LEU B 93 13.40 -9.64 -27.01
N THR B 94 14.09 -10.56 -27.66
CA THR B 94 13.71 -11.14 -28.97
C THR B 94 12.63 -12.23 -28.83
N LEU B 95 11.81 -12.44 -29.86
CA LEU B 95 10.74 -13.45 -29.86
C LEU B 95 11.20 -14.88 -29.52
N LYS B 96 12.40 -15.31 -29.93
CA LYS B 96 12.93 -16.62 -29.51
C LYS B 96 13.08 -16.74 -28.00
N THR B 97 13.50 -15.67 -27.32
CA THR B 97 13.61 -15.64 -25.86
C THR B 97 12.24 -15.64 -25.19
N PHE B 98 11.21 -15.03 -25.80
CA PHE B 98 9.83 -15.12 -25.32
C PHE B 98 9.30 -16.55 -25.43
N ILE B 99 9.42 -17.18 -26.60
CA ILE B 99 8.94 -18.54 -26.83
C ILE B 99 9.68 -19.52 -25.90
N ALA B 100 10.99 -19.35 -25.74
CA ALA B 100 11.77 -20.14 -24.79
C ALA B 100 11.28 -19.99 -23.34
N LYS B 101 11.00 -18.79 -22.82
CA LYS B 101 10.49 -18.63 -21.45
C LYS B 101 9.07 -19.11 -21.24
N VAL B 102 8.11 -18.78 -22.11
CA VAL B 102 6.72 -19.17 -21.88
C VAL B 102 6.56 -20.70 -21.89
N ILE B 103 7.23 -21.42 -22.78
CA ILE B 103 7.24 -22.90 -22.79
C ILE B 103 8.14 -23.44 -21.66
N GLY B 104 9.35 -22.93 -21.50
CA GLY B 104 10.33 -23.46 -20.56
C GLY B 104 9.96 -23.28 -19.09
N LEU B 105 9.31 -22.18 -18.71
CA LEU B 105 8.81 -21.92 -17.35
C LEU B 105 7.62 -22.82 -17.01
N THR B 106 6.68 -22.97 -17.92
CA THR B 106 5.51 -23.85 -17.77
C THR B 106 5.93 -25.29 -17.47
N CYS B 107 6.99 -25.81 -18.10
CA CYS B 107 7.54 -27.14 -17.79
C CYS B 107 8.36 -27.18 -16.49
N ALA B 108 9.10 -26.13 -16.15
CA ALA B 108 9.85 -26.08 -14.90
C ALA B 108 8.92 -26.09 -13.67
N LEU B 109 7.85 -25.30 -13.66
CA LEU B 109 6.90 -25.25 -12.54
C LEU B 109 5.95 -26.45 -12.50
N GLY B 110 5.46 -26.90 -13.65
CA GLY B 110 4.62 -28.10 -13.76
C GLY B 110 5.30 -29.40 -13.31
N SER B 111 6.63 -29.43 -13.22
CA SER B 111 7.37 -30.57 -12.67
C SER B 111 7.14 -30.79 -11.17
N GLY B 112 6.64 -29.79 -10.44
CA GLY B 112 6.53 -29.81 -8.98
C GLY B 112 7.84 -29.53 -8.24
N MET B 113 8.90 -29.10 -8.92
CA MET B 113 10.12 -28.58 -8.28
C MET B 113 9.88 -27.27 -7.49
N PRO B 114 10.67 -27.00 -6.43
CA PRO B 114 10.52 -25.83 -5.56
C PRO B 114 11.06 -24.53 -6.19
N LEU B 115 10.32 -23.98 -7.15
CA LEU B 115 10.70 -22.88 -8.04
C LEU B 115 9.63 -21.76 -8.04
N GLY B 116 10.04 -20.50 -8.14
CA GLY B 116 9.14 -19.35 -8.29
C GLY B 116 8.89 -18.87 -9.73
N LYS B 117 8.03 -17.87 -9.93
CA LYS B 117 7.72 -17.26 -11.23
C LYS B 117 7.92 -15.74 -11.32
N GLU B 118 8.34 -15.02 -10.27
CA GLU B 118 8.36 -13.55 -10.25
C GLU B 118 9.37 -12.93 -11.22
N GLY B 119 10.62 -13.38 -11.19
CA GLY B 119 11.66 -12.89 -12.07
C GLY B 119 11.34 -13.17 -13.54
N PRO B 120 10.96 -14.40 -13.91
CA PRO B 120 10.43 -14.69 -15.23
C PRO B 120 9.24 -13.84 -15.67
N PHE B 121 8.31 -13.48 -14.79
CA PHE B 121 7.19 -12.60 -15.15
C PHE B 121 7.64 -11.16 -15.44
N VAL B 122 8.68 -10.66 -14.79
CA VAL B 122 9.28 -9.35 -15.10
C VAL B 122 9.90 -9.32 -16.51
N HIS B 123 10.60 -10.38 -16.91
CA HIS B 123 11.14 -10.54 -18.27
C HIS B 123 10.05 -10.72 -19.32
N ILE B 124 9.07 -11.59 -19.08
CA ILE B 124 7.95 -11.80 -20.01
C ILE B 124 7.14 -10.52 -20.23
N ALA B 125 6.91 -9.70 -19.20
CA ALA B 125 6.25 -8.41 -19.36
C ALA B 125 7.10 -7.41 -20.17
N SER B 126 8.41 -7.34 -19.90
CA SER B 126 9.33 -6.52 -20.68
C SER B 126 9.38 -6.93 -22.15
N MET B 127 9.34 -8.24 -22.45
CA MET B 127 9.21 -8.72 -23.82
C MET B 127 7.86 -8.36 -24.43
N CYS B 128 6.76 -8.41 -23.68
CA CYS B 128 5.49 -7.89 -24.17
C CYS B 128 5.58 -6.41 -24.51
N ALA B 129 6.24 -5.58 -23.70
CA ALA B 129 6.42 -4.16 -23.99
C ALA B 129 7.22 -3.92 -25.27
N ALA B 130 8.38 -4.56 -25.39
CA ALA B 130 9.22 -4.45 -26.58
C ALA B 130 8.50 -4.94 -27.83
N LEU B 131 7.97 -6.16 -27.83
CA LEU B 131 7.34 -6.74 -29.02
C LEU B 131 6.04 -6.02 -29.40
N LEU B 132 5.27 -5.51 -28.43
CA LEU B 132 4.10 -4.66 -28.68
C LEU B 132 4.49 -3.38 -29.42
N SER B 133 5.51 -2.64 -28.94
CA SER B 133 5.96 -1.37 -29.52
C SER B 133 6.54 -1.47 -30.95
N LYS B 134 6.64 -2.69 -31.49
CA LYS B 134 7.07 -3.00 -32.85
C LYS B 134 5.92 -3.60 -33.68
N PHE B 135 5.07 -4.44 -33.08
CA PHE B 135 3.90 -5.03 -33.74
C PHE B 135 2.84 -3.98 -34.11
N LEU B 136 2.60 -3.01 -33.23
CA LEU B 136 2.14 -1.68 -33.62
C LEU B 136 3.36 -0.77 -33.49
N SER B 137 3.78 -0.13 -34.58
CA SER B 137 5.14 0.40 -34.74
C SER B 137 5.31 1.77 -34.07
N LEU B 138 5.04 1.84 -32.76
CA LEU B 138 5.18 3.03 -31.95
C LEU B 138 6.65 3.44 -31.80
N PHE B 139 7.56 2.46 -31.71
CA PHE B 139 8.99 2.69 -31.56
C PHE B 139 9.65 3.22 -32.85
N GLY B 140 10.77 3.95 -32.69
CA GLY B 140 11.67 4.41 -33.76
C GLY B 140 11.17 5.59 -34.61
N GLY B 141 9.97 5.50 -35.16
CA GLY B 141 9.50 6.37 -36.24
C GLY B 141 9.14 7.81 -35.85
N ILE B 142 8.68 8.04 -34.60
CA ILE B 142 8.07 9.32 -34.19
C ILE B 142 8.65 9.82 -32.86
N TYR B 143 9.77 10.54 -32.92
CA TYR B 143 10.43 11.21 -31.77
C TYR B 143 10.86 10.26 -30.63
N GLU B 144 11.00 8.96 -30.93
CA GLU B 144 11.33 7.91 -29.96
C GLU B 144 12.82 7.91 -29.58
N ASN B 145 13.11 7.51 -28.34
CA ASN B 145 14.41 7.66 -27.69
C ASN B 145 14.68 6.52 -26.69
N GLU B 146 15.94 6.34 -26.29
CA GLU B 146 16.31 5.45 -25.17
C GLU B 146 15.55 5.81 -23.87
N SER B 147 15.34 7.10 -23.61
CA SER B 147 14.54 7.56 -22.46
C SER B 147 13.12 7.01 -22.50
N ARG B 148 12.45 7.03 -23.65
CA ARG B 148 11.12 6.44 -23.83
C ARG B 148 11.14 4.91 -23.78
N ASN B 149 12.19 4.25 -24.27
CA ASN B 149 12.35 2.81 -24.07
C ASN B 149 12.47 2.47 -22.58
N THR B 150 13.39 3.09 -21.86
CA THR B 150 13.54 2.88 -20.43
C THR B 150 12.24 3.24 -19.67
N GLU B 151 11.53 4.29 -20.05
CA GLU B 151 10.23 4.62 -19.44
C GLU B 151 9.11 3.61 -19.72
N MET B 152 9.09 2.95 -20.88
CA MET B 152 8.06 1.93 -21.17
C MET B 152 8.40 0.56 -20.56
N LEU B 153 9.69 0.22 -20.43
CA LEU B 153 10.12 -1.02 -19.78
C LEU B 153 9.97 -0.97 -18.26
N ALA B 154 10.12 0.20 -17.63
CA ALA B 154 9.89 0.37 -16.20
C ALA B 154 8.42 0.14 -15.79
N ALA B 155 7.45 0.59 -16.59
CA ALA B 155 6.04 0.28 -16.36
C ALA B 155 5.73 -1.20 -16.61
N ALA B 156 6.46 -1.86 -17.52
CA ALA B 156 6.31 -3.28 -17.78
C ALA B 156 6.83 -4.16 -16.63
N CYS B 157 7.92 -3.78 -15.96
CA CYS B 157 8.35 -4.46 -14.74
C CYS B 157 7.28 -4.38 -13.63
N ALA B 158 6.62 -3.23 -13.48
CA ALA B 158 5.48 -3.04 -12.56
C ALA B 158 4.28 -3.93 -12.91
N VAL B 159 3.91 -4.06 -14.19
CA VAL B 159 2.87 -5.00 -14.64
C VAL B 159 3.30 -6.47 -14.46
N GLY B 160 4.58 -6.80 -14.61
CA GLY B 160 5.11 -8.15 -14.44
C GLY B 160 4.92 -8.69 -13.04
N VAL B 161 5.41 -7.96 -12.03
CA VAL B 161 5.20 -8.32 -10.63
C VAL B 161 3.72 -8.23 -10.21
N GLY B 162 2.98 -7.25 -10.71
CA GLY B 162 1.56 -7.08 -10.38
C GLY B 162 0.69 -8.27 -10.77
N CYS B 163 0.90 -8.84 -11.96
CA CYS B 163 0.22 -10.05 -12.42
C CYS B 163 0.63 -11.32 -11.66
N CYS B 164 1.90 -11.38 -11.23
CA CYS B 164 2.45 -12.52 -10.52
C CYS B 164 1.74 -12.79 -9.18
N PHE B 165 1.76 -11.82 -8.26
CA PHE B 165 1.18 -11.97 -6.92
C PHE B 165 -0.34 -11.71 -6.82
N ALA B 166 -1.00 -11.27 -7.90
CA ALA B 166 -2.37 -10.75 -7.89
C ALA B 166 -2.57 -9.59 -6.87
N ALA B 167 -1.59 -8.71 -6.79
CA ALA B 167 -1.45 -7.64 -5.80
C ALA B 167 -1.13 -6.31 -6.51
N PRO B 168 -2.14 -5.57 -7.01
CA PRO B 168 -1.93 -4.50 -8.00
C PRO B 168 -1.17 -3.26 -7.51
N ILE B 169 -1.18 -2.92 -6.21
CA ILE B 169 -0.41 -1.78 -5.69
C ILE B 169 0.94 -2.28 -5.17
N GLY B 170 0.99 -3.38 -4.43
CA GLY B 170 2.21 -3.96 -3.90
C GLY B 170 3.18 -4.48 -4.97
N GLY B 171 2.68 -4.90 -6.13
CA GLY B 171 3.50 -5.24 -7.30
C GLY B 171 4.22 -4.04 -7.93
N VAL B 172 3.52 -2.92 -8.09
CA VAL B 172 4.11 -1.63 -8.51
C VAL B 172 5.19 -1.17 -7.52
N LEU B 173 4.91 -1.19 -6.23
CA LEU B 173 5.86 -0.79 -5.20
C LEU B 173 7.07 -1.73 -5.09
N PHE B 174 6.88 -3.05 -5.21
CA PHE B 174 7.97 -4.05 -5.22
C PHE B 174 8.93 -3.86 -6.39
N SER B 175 8.39 -3.65 -7.59
CA SER B 175 9.16 -3.41 -8.81
C SER B 175 10.13 -2.23 -8.68
N ILE B 176 9.67 -1.13 -8.11
CA ILE B 176 10.49 0.06 -7.85
C ILE B 176 11.63 -0.29 -6.88
N GLU B 177 11.37 -1.04 -5.82
CA GLU B 177 12.41 -1.38 -4.83
C GLU B 177 13.51 -2.30 -5.38
N VAL B 178 13.20 -3.18 -6.34
CA VAL B 178 14.15 -4.17 -6.87
C VAL B 178 14.84 -3.74 -8.17
N THR B 179 14.19 -2.96 -9.05
CA THR B 179 14.76 -2.53 -10.34
C THR B 179 15.50 -1.19 -10.32
N SER B 180 15.34 -0.36 -9.29
CA SER B 180 15.62 1.09 -9.35
C SER B 180 16.25 1.64 -8.06
N THR B 181 16.78 2.87 -8.12
CA THR B 181 17.30 3.62 -6.97
C THR B 181 16.65 5.01 -6.79
N PHE B 182 16.22 5.64 -7.89
CA PHE B 182 15.28 6.77 -7.94
C PHE B 182 14.19 6.46 -8.99
N PHE B 183 12.94 6.80 -8.73
CA PHE B 183 11.83 6.55 -9.66
C PHE B 183 10.96 7.79 -9.82
N ALA B 184 10.56 8.16 -11.04
CA ALA B 184 9.67 9.30 -11.21
C ALA B 184 8.29 8.99 -10.63
N VAL B 185 7.67 9.94 -9.94
CA VAL B 185 6.27 9.80 -9.52
C VAL B 185 5.36 9.58 -10.74
N ARG B 186 5.67 10.21 -11.89
CA ARG B 186 4.98 10.01 -13.18
C ARG B 186 5.06 8.56 -13.69
N ASN B 187 6.14 7.85 -13.37
CA ASN B 187 6.35 6.46 -13.73
C ASN B 187 5.60 5.51 -12.77
N TYR B 188 5.54 5.85 -11.49
CA TYR B 188 4.68 5.21 -10.50
C TYR B 188 3.19 5.38 -10.86
N TRP B 189 2.74 6.53 -11.36
CA TRP B 189 1.39 6.68 -11.90
C TRP B 189 1.13 5.81 -13.13
N ARG B 190 2.11 5.67 -14.03
CA ARG B 190 1.99 4.80 -15.22
C ARG B 190 1.97 3.31 -14.88
N GLY B 191 2.82 2.87 -13.94
CA GLY B 191 2.75 1.55 -13.35
C GLY B 191 1.38 1.27 -12.72
N PHE B 192 0.93 2.13 -11.81
CA PHE B 192 -0.39 2.04 -11.15
C PHE B 192 -1.54 2.01 -12.16
N PHE B 193 -1.47 2.78 -13.25
CA PHE B 193 -2.47 2.78 -14.31
C PHE B 193 -2.55 1.45 -15.05
N ALA B 194 -1.41 0.90 -15.49
CA ALA B 194 -1.36 -0.36 -16.22
C ALA B 194 -1.69 -1.56 -15.33
N ALA B 195 -1.15 -1.60 -14.10
CA ALA B 195 -1.44 -2.62 -13.10
C ALA B 195 -2.94 -2.69 -12.78
N THR B 196 -3.61 -1.56 -12.61
CA THR B 196 -5.07 -1.49 -12.42
C THR B 196 -5.84 -2.10 -13.59
N PHE B 197 -5.36 -1.94 -14.83
CA PHE B 197 -6.00 -2.57 -15.98
C PHE B 197 -5.77 -4.08 -16.04
N SER B 198 -4.60 -4.57 -15.61
CA SER B 198 -4.38 -6.02 -15.50
C SER B 198 -5.29 -6.65 -14.44
N ALA B 199 -5.46 -5.99 -13.29
CA ALA B 199 -6.37 -6.39 -12.23
C ALA B 199 -7.83 -6.47 -12.70
N PHE B 200 -8.32 -5.49 -13.44
CA PHE B 200 -9.66 -5.53 -14.03
C PHE B 200 -9.88 -6.78 -14.91
N ILE B 201 -8.95 -7.13 -15.80
CA ILE B 201 -9.06 -8.31 -16.66
C ILE B 201 -9.08 -9.61 -15.84
N PHE B 202 -8.28 -9.75 -14.77
CA PHE B 202 -8.38 -10.92 -13.90
C PHE B 202 -9.77 -11.12 -13.29
N ARG B 203 -10.47 -10.06 -12.83
CA ARG B 203 -11.84 -10.19 -12.34
C ARG B 203 -12.79 -10.65 -13.43
N VAL B 204 -12.68 -10.15 -14.66
CA VAL B 204 -13.52 -10.62 -15.77
C VAL B 204 -13.28 -12.11 -16.04
N LEU B 205 -12.01 -12.52 -16.13
CA LEU B 205 -11.66 -13.93 -16.35
C LEU B 205 -12.19 -14.81 -15.22
N ALA B 206 -11.97 -14.44 -13.96
CA ALA B 206 -12.47 -15.17 -12.79
C ALA B 206 -14.00 -15.26 -12.73
N VAL B 207 -14.73 -14.25 -13.20
CA VAL B 207 -16.20 -14.28 -13.29
C VAL B 207 -16.68 -15.20 -14.42
N TRP B 208 -15.95 -15.26 -15.54
CA TRP B 208 -16.25 -16.18 -16.67
C TRP B 208 -15.88 -17.64 -16.36
N ASN B 209 -14.81 -17.85 -15.60
CA ASN B 209 -14.41 -19.12 -14.99
C ASN B 209 -15.43 -19.59 -13.92
N ARG B 210 -15.25 -20.79 -13.37
CA ARG B 210 -15.99 -21.28 -12.20
C ARG B 210 -15.55 -20.58 -10.90
N ASP B 211 -14.27 -20.20 -10.79
CA ASP B 211 -13.67 -19.73 -9.54
C ASP B 211 -12.42 -18.85 -9.79
N GLU B 212 -11.93 -18.16 -8.76
CA GLU B 212 -10.52 -17.75 -8.75
C GLU B 212 -9.62 -18.99 -8.78
N GLU B 213 -8.75 -19.10 -9.78
CA GLU B 213 -7.78 -20.19 -9.88
C GLU B 213 -6.72 -20.10 -8.76
N THR B 214 -6.52 -18.90 -8.20
CA THR B 214 -5.74 -18.66 -6.99
C THR B 214 -6.55 -19.14 -5.78
N ILE B 215 -6.16 -20.27 -5.18
CA ILE B 215 -7.02 -21.05 -4.27
C ILE B 215 -7.38 -20.29 -2.98
N THR B 216 -8.56 -20.60 -2.43
CA THR B 216 -9.24 -19.84 -1.35
C THR B 216 -9.40 -18.37 -1.72
N ALA B 217 -9.86 -18.09 -2.95
CA ALA B 217 -10.07 -16.75 -3.48
C ALA B 217 -8.86 -15.80 -3.28
N LEU B 218 -7.71 -16.19 -3.84
CA LEU B 218 -6.39 -15.55 -3.79
C LEU B 218 -5.72 -15.60 -2.39
N PHE B 219 -5.87 -16.73 -1.69
CA PHE B 219 -5.36 -16.96 -0.33
C PHE B 219 -6.04 -16.09 0.75
N LYS B 220 -7.33 -15.78 0.60
CA LYS B 220 -8.08 -14.94 1.52
C LYS B 220 -8.19 -15.58 2.89
N THR B 221 -7.59 -14.95 3.89
CA THR B 221 -7.65 -15.38 5.30
C THR B 221 -8.98 -15.01 5.97
N ARG B 222 -9.40 -15.78 6.98
CA ARG B 222 -10.69 -15.67 7.67
C ARG B 222 -10.53 -15.72 9.20
N PHE B 223 -9.61 -14.92 9.73
CA PHE B 223 -9.41 -14.74 11.18
C PHE B 223 -10.51 -13.87 11.82
N ARG B 224 -10.62 -13.85 13.15
CA ARG B 224 -11.57 -12.98 13.87
C ARG B 224 -11.23 -11.49 13.74
N LEU B 225 -12.25 -10.64 13.67
CA LEU B 225 -12.11 -9.21 13.47
C LEU B 225 -11.84 -8.42 14.78
N ASP B 226 -12.24 -8.96 15.93
CA ASP B 226 -12.11 -8.34 17.25
C ASP B 226 -10.98 -8.98 18.06
N PHE B 227 -10.11 -8.18 18.68
CA PHE B 227 -8.97 -8.63 19.49
C PHE B 227 -8.17 -9.77 18.84
N PRO B 228 -7.67 -9.61 17.59
CA PRO B 228 -6.96 -10.67 16.87
C PRO B 228 -5.59 -10.99 17.47
N PHE B 229 -4.98 -10.04 18.19
CA PHE B 229 -3.74 -10.19 18.94
C PHE B 229 -3.71 -9.22 20.13
N ASP B 230 -2.79 -9.42 21.07
CA ASP B 230 -2.61 -8.60 22.28
C ASP B 230 -1.21 -7.96 22.35
N LEU B 231 -1.06 -6.79 22.96
CA LEU B 231 0.26 -6.16 23.17
C LEU B 231 1.24 -7.07 23.94
N GLN B 232 0.74 -8.03 24.73
CA GLN B 232 1.57 -9.01 25.40
C GLN B 232 2.28 -9.98 24.43
N GLU B 233 1.75 -10.18 23.22
CA GLU B 233 2.33 -11.04 22.18
C GLU B 233 3.03 -10.28 21.02
N LEU B 234 3.11 -8.94 21.05
CA LEU B 234 4.03 -8.20 20.15
C LEU B 234 5.50 -8.64 20.27
N PRO B 235 6.06 -9.05 21.43
CA PRO B 235 7.42 -9.59 21.50
C PRO B 235 7.64 -10.88 20.71
N ALA B 236 6.60 -11.67 20.40
CA ALA B 236 6.71 -12.86 19.56
C ALA B 236 6.79 -12.49 18.08
N PHE B 237 5.91 -11.61 17.58
CA PHE B 237 6.02 -11.10 16.21
C PHE B 237 7.34 -10.36 15.93
N ALA B 238 7.95 -9.73 16.93
CA ALA B 238 9.28 -9.16 16.80
C ALA B 238 10.38 -10.21 16.61
N VAL B 239 10.31 -11.37 17.30
CA VAL B 239 11.33 -12.42 17.17
C VAL B 239 11.24 -13.16 15.83
N ILE B 240 10.05 -13.24 15.21
CA ILE B 240 9.89 -13.67 13.83
C ILE B 240 10.66 -12.75 12.87
N GLY B 241 10.54 -11.44 13.00
CA GLY B 241 11.27 -10.48 12.17
C GLY B 241 12.77 -10.68 12.23
N ILE B 242 13.35 -10.64 13.43
CA ILE B 242 14.80 -10.84 13.63
C ILE B 242 15.28 -12.17 13.04
N ALA B 243 14.62 -13.28 13.36
CA ALA B 243 14.98 -14.60 12.84
C ALA B 243 14.84 -14.68 11.32
N SER B 244 13.85 -14.03 10.74
CA SER B 244 13.70 -13.97 9.28
C SER B 244 14.80 -13.15 8.63
N GLY B 245 15.30 -12.13 9.31
CA GLY B 245 16.42 -11.36 8.85
C GLY B 245 17.69 -12.21 8.75
N PHE B 246 18.03 -12.98 9.78
CA PHE B 246 19.14 -13.95 9.73
C PHE B 246 18.91 -15.08 8.72
N GLY B 247 17.69 -15.59 8.59
CA GLY B 247 17.35 -16.66 7.65
C GLY B 247 17.53 -16.24 6.19
N GLY B 248 17.04 -15.07 5.81
CA GLY B 248 17.17 -14.54 4.45
C GLY B 248 18.60 -14.21 4.05
N ALA B 249 19.42 -13.73 4.99
CA ALA B 249 20.86 -13.57 4.79
C ALA B 249 21.60 -14.90 4.59
N LEU B 250 21.18 -16.00 5.22
CA LEU B 250 21.76 -17.31 4.97
C LEU B 250 21.33 -17.91 3.63
N PHE B 251 20.09 -17.69 3.20
CA PHE B 251 19.63 -18.24 1.92
C PHE B 251 20.44 -17.71 0.74
N VAL B 252 20.61 -16.39 0.67
CA VAL B 252 21.39 -15.70 -0.37
C VAL B 252 22.86 -16.13 -0.33
N TYR B 253 23.45 -16.27 0.85
CA TYR B 253 24.80 -16.81 1.01
C TYR B 253 24.93 -18.22 0.44
N LEU B 254 24.05 -19.15 0.84
CA LEU B 254 24.11 -20.54 0.41
C LEU B 254 23.95 -20.68 -1.11
N ASN B 255 23.00 -19.97 -1.72
CA ASN B 255 22.81 -20.04 -3.17
C ASN B 255 24.05 -19.61 -3.96
N ARG B 256 24.72 -18.52 -3.56
CA ARG B 256 26.01 -18.12 -4.16
C ARG B 256 27.11 -19.15 -3.88
N LYS B 257 27.19 -19.69 -2.67
CA LYS B 257 28.19 -20.70 -2.31
C LYS B 257 28.07 -21.96 -3.17
N ILE B 258 26.86 -22.40 -3.49
CA ILE B 258 26.59 -23.55 -4.38
C ILE B 258 27.16 -23.29 -5.78
N VAL B 259 26.85 -22.14 -6.39
CA VAL B 259 27.35 -21.76 -7.72
C VAL B 259 28.87 -21.62 -7.76
N GLN B 260 29.47 -21.00 -6.74
CA GLN B 260 30.92 -20.87 -6.64
C GLN B 260 31.63 -22.24 -6.59
N VAL B 261 31.08 -23.23 -5.89
CA VAL B 261 31.65 -24.59 -5.85
C VAL B 261 31.58 -25.28 -7.22
N MET B 262 30.45 -25.19 -7.93
CA MET B 262 30.32 -25.76 -9.27
C MET B 262 31.28 -25.14 -10.30
N ARG B 263 31.58 -23.84 -10.19
CA ARG B 263 32.61 -23.16 -11.01
C ARG B 263 34.04 -23.57 -10.61
N LYS B 264 34.34 -23.66 -9.31
CA LYS B 264 35.68 -24.01 -8.80
C LYS B 264 36.08 -25.45 -9.11
N GLN B 265 35.14 -26.39 -9.12
CA GLN B 265 35.38 -27.81 -9.46
C GLN B 265 35.51 -28.01 -10.99
N LYS B 266 36.56 -27.45 -11.59
CA LYS B 266 36.74 -27.34 -13.07
C LYS B 266 36.66 -28.68 -13.81
N THR B 267 37.20 -29.76 -13.25
CA THR B 267 37.16 -31.10 -13.87
C THR B 267 35.73 -31.62 -14.03
N ILE B 268 34.91 -31.50 -12.97
CA ILE B 268 33.47 -31.81 -13.02
C ILE B 268 32.75 -30.85 -13.95
N ASN B 269 33.07 -29.55 -13.93
CA ASN B 269 32.43 -28.58 -14.82
C ASN B 269 32.68 -28.89 -16.30
N ARG B 270 33.91 -29.23 -16.70
CA ARG B 270 34.21 -29.66 -18.09
C ARG B 270 33.41 -30.90 -18.48
N PHE B 271 33.30 -31.90 -17.60
CA PHE B 271 32.46 -33.07 -17.83
C PHE B 271 30.98 -32.68 -18.02
N LEU B 272 30.42 -31.88 -17.12
CA LEU B 272 29.03 -31.42 -17.22
C LEU B 272 28.79 -30.48 -18.41
N MET B 273 29.78 -29.71 -18.89
CA MET B 273 29.64 -28.88 -20.10
C MET B 273 29.57 -29.71 -21.39
N ARG B 274 30.16 -30.91 -21.41
CA ARG B 274 29.84 -31.93 -22.44
C ARG B 274 28.48 -32.57 -22.16
N LYS B 275 28.25 -33.03 -20.93
CA LYS B 275 27.02 -33.69 -20.46
C LYS B 275 25.97 -32.68 -19.97
N ARG B 276 25.64 -31.69 -20.81
CA ARG B 276 24.85 -30.48 -20.45
C ARG B 276 23.48 -30.72 -19.80
N LEU B 277 22.76 -31.80 -20.14
CA LEU B 277 21.47 -32.14 -19.53
C LEU B 277 21.56 -33.08 -18.31
N LEU B 278 22.76 -33.40 -17.82
CA LEU B 278 22.91 -34.34 -16.70
C LEU B 278 22.60 -33.68 -15.35
N PHE B 279 23.27 -32.57 -15.01
CA PHE B 279 23.08 -31.85 -13.74
C PHE B 279 21.61 -31.50 -13.40
N PRO B 280 20.79 -30.90 -14.29
CA PRO B 280 19.37 -30.63 -13.99
C PRO B 280 18.54 -31.90 -13.73
N ALA B 281 18.83 -33.00 -14.43
CA ALA B 281 18.15 -34.27 -14.24
C ALA B 281 18.51 -34.91 -12.89
N LEU B 282 19.77 -34.90 -12.49
CA LEU B 282 20.21 -35.47 -11.22
C LEU B 282 19.67 -34.71 -10.01
N VAL B 283 19.65 -33.37 -10.05
CA VAL B 283 19.06 -32.54 -8.98
C VAL B 283 17.55 -32.83 -8.84
N THR B 284 16.82 -32.88 -9.95
CA THR B 284 15.39 -33.23 -9.96
C THR B 284 15.13 -34.61 -9.38
N LEU B 285 15.93 -35.62 -9.73
CA LEU B 285 15.79 -36.98 -9.24
C LEU B 285 16.00 -37.08 -7.73
N LEU B 286 17.02 -36.43 -7.17
CA LEU B 286 17.25 -36.35 -5.74
C LEU B 286 16.06 -35.73 -4.99
N ILE B 287 15.64 -34.53 -5.39
CA ILE B 287 14.54 -33.81 -4.74
C ILE B 287 13.24 -34.62 -4.82
N SER B 288 12.92 -35.19 -5.99
CA SER B 288 11.70 -35.98 -6.11
C SER B 288 11.74 -37.26 -5.25
N THR B 289 12.91 -37.90 -5.16
CA THR B 289 13.10 -39.11 -4.34
C THR B 289 12.90 -38.82 -2.86
N LEU B 290 13.43 -37.72 -2.30
CA LEU B 290 13.16 -37.33 -0.91
C LEU B 290 11.74 -36.83 -0.67
N THR B 291 11.02 -36.39 -1.70
CA THR B 291 9.64 -35.91 -1.56
C THR B 291 8.62 -37.04 -1.72
N PHE B 292 9.05 -38.26 -2.06
CA PHE B 292 8.20 -39.43 -2.25
C PHE B 292 7.38 -39.77 -1.00
N PRO B 293 6.02 -39.69 -1.04
CA PRO B 293 5.23 -39.69 0.19
C PRO B 293 5.36 -40.95 1.05
N PRO B 294 5.25 -42.19 0.52
CA PRO B 294 5.40 -43.41 1.31
C PRO B 294 6.80 -43.66 1.91
N GLY B 295 7.83 -42.90 1.51
CA GLY B 295 9.20 -43.05 1.99
C GLY B 295 9.62 -41.98 2.99
N PHE B 296 9.52 -40.71 2.63
CA PHE B 296 9.96 -39.57 3.47
C PHE B 296 9.07 -38.33 3.32
N GLY B 297 8.28 -38.21 2.26
CA GLY B 297 7.38 -37.07 2.05
C GLY B 297 6.30 -36.92 3.13
N GLN B 298 5.91 -38.00 3.83
CA GLN B 298 5.02 -37.93 4.99
C GLN B 298 5.52 -37.01 6.12
N PHE B 299 6.84 -36.81 6.25
CA PHE B 299 7.44 -35.92 7.24
C PHE B 299 7.68 -34.49 6.73
N MET B 300 7.15 -34.15 5.55
CA MET B 300 7.25 -32.84 4.89
C MET B 300 5.96 -32.41 4.17
N ALA B 301 4.83 -33.08 4.38
CA ALA B 301 3.61 -32.85 3.59
C ALA B 301 3.84 -32.96 2.06
N GLY B 302 4.75 -33.85 1.63
CA GLY B 302 5.27 -33.94 0.27
C GLY B 302 4.21 -34.15 -0.83
N GLN B 303 3.04 -34.67 -0.50
CA GLN B 303 1.94 -34.84 -1.44
C GLN B 303 1.27 -33.52 -1.88
N LEU B 304 1.46 -32.42 -1.14
CA LEU B 304 0.91 -31.09 -1.45
C LEU B 304 1.77 -30.32 -2.47
N SER B 305 1.15 -29.61 -3.42
CA SER B 305 1.82 -28.57 -4.23
C SER B 305 2.12 -27.29 -3.43
N GLN B 306 2.79 -26.31 -4.04
CA GLN B 306 3.15 -25.06 -3.36
C GLN B 306 1.95 -24.19 -3.00
N LYS B 307 0.90 -24.09 -3.84
CA LYS B 307 -0.37 -23.50 -3.40
C LYS B 307 -0.95 -24.24 -2.19
N GLU B 308 -1.13 -25.56 -2.29
CA GLU B 308 -1.80 -26.37 -1.28
C GLU B 308 -1.10 -26.33 0.07
N THR B 309 0.23 -26.28 0.06
CA THR B 309 1.05 -26.10 1.26
C THR B 309 0.75 -24.76 1.95
N LEU B 310 0.66 -23.66 1.19
CA LEU B 310 0.45 -22.31 1.73
C LEU B 310 -1.00 -22.07 2.16
N VAL B 311 -1.98 -22.59 1.41
CA VAL B 311 -3.38 -22.62 1.82
C VAL B 311 -3.55 -23.34 3.16
N THR B 312 -2.79 -24.41 3.41
CA THR B 312 -2.86 -25.14 4.66
C THR B 312 -2.22 -24.35 5.82
N LEU B 313 -1.08 -23.71 5.62
CA LEU B 313 -0.40 -22.92 6.66
C LEU B 313 -1.17 -21.65 7.09
N PHE B 314 -2.02 -21.09 6.23
CA PHE B 314 -2.86 -19.91 6.54
C PHE B 314 -4.27 -20.23 7.09
N ASP B 315 -4.60 -21.47 7.49
CA ASP B 315 -5.94 -21.78 8.02
C ASP B 315 -6.24 -21.08 9.38
N ASN B 316 -7.52 -20.78 9.65
CA ASN B 316 -7.94 -20.05 10.86
C ASN B 316 -8.05 -20.94 12.11
N ARG B 317 -8.26 -22.25 11.96
CA ARG B 317 -8.26 -23.25 13.04
C ARG B 317 -6.87 -23.47 13.62
N THR B 318 -6.78 -23.94 14.86
CA THR B 318 -5.51 -24.22 15.56
C THR B 318 -5.19 -25.71 15.52
N TRP B 319 -3.96 -26.10 15.21
CA TRP B 319 -3.60 -27.52 15.09
C TRP B 319 -3.31 -28.18 16.44
N VAL B 320 -2.67 -27.48 17.38
CA VAL B 320 -2.32 -28.03 18.71
C VAL B 320 -3.51 -28.17 19.67
N ARG B 321 -4.72 -27.67 19.35
CA ARG B 321 -5.93 -27.89 20.16
C ARG B 321 -6.23 -29.39 20.26
N GLN B 322 -6.23 -29.91 21.50
CA GLN B 322 -6.44 -31.33 21.79
C GLN B 322 -7.92 -31.72 21.73
N SER B 332 -8.74 -29.22 8.28
CA SER B 332 -9.14 -30.05 7.13
C SER B 332 -7.94 -30.67 6.41
N THR B 333 -6.89 -29.88 6.16
CA THR B 333 -5.62 -30.32 5.54
C THR B 333 -4.44 -30.34 6.52
N SER B 334 -4.66 -30.06 7.81
CA SER B 334 -3.70 -30.35 8.90
C SER B 334 -3.29 -31.83 8.95
N GLN B 335 -4.10 -32.73 8.39
CA GLN B 335 -3.81 -34.15 8.28
C GLN B 335 -2.48 -34.43 7.56
N ALA B 336 -2.10 -33.59 6.59
CA ALA B 336 -0.81 -33.68 5.89
C ALA B 336 0.39 -33.34 6.79
N TRP B 337 0.17 -32.59 7.87
CA TRP B 337 1.19 -32.17 8.84
C TRP B 337 1.24 -33.05 10.09
N ASN B 338 0.20 -33.84 10.35
CA ASN B 338 0.13 -34.79 11.47
C ASN B 338 0.04 -36.25 10.96
N PRO B 339 1.13 -36.85 10.44
CA PRO B 339 1.14 -38.24 9.98
C PRO B 339 1.03 -39.22 11.17
N PRO B 340 0.71 -40.51 10.96
CA PRO B 340 0.55 -41.49 12.04
C PRO B 340 1.79 -41.69 12.94
N ARG B 341 2.99 -41.29 12.49
CA ARG B 341 4.27 -41.47 13.21
C ARG B 341 4.87 -40.18 13.82
N ALA B 342 4.27 -39.00 13.65
CA ALA B 342 4.79 -37.73 14.16
C ALA B 342 3.72 -36.66 14.48
N ASN B 343 4.05 -35.71 15.36
CA ASN B 343 3.24 -34.53 15.66
C ASN B 343 3.53 -33.35 14.71
N VAL B 344 2.67 -32.31 14.70
CA VAL B 344 2.82 -31.16 13.79
C VAL B 344 4.10 -30.34 14.01
N PHE B 345 4.69 -30.29 15.21
CA PHE B 345 5.89 -29.51 15.46
C PHE B 345 7.10 -30.11 14.76
N LEU B 346 7.28 -31.43 14.87
CA LEU B 346 8.35 -32.15 14.18
C LEU B 346 8.20 -32.02 12.66
N THR B 347 7.00 -32.18 12.12
CA THR B 347 6.75 -32.04 10.68
C THR B 347 7.01 -30.61 10.15
N LEU B 348 6.70 -29.57 10.92
CA LEU B 348 7.11 -28.20 10.58
C LEU B 348 8.63 -28.05 10.62
N VAL B 349 9.31 -28.51 11.67
CA VAL B 349 10.77 -28.38 11.79
C VAL B 349 11.53 -29.10 10.69
N ILE B 350 11.13 -30.33 10.33
CA ILE B 350 11.75 -31.07 9.22
C ILE B 350 11.41 -30.43 7.88
N PHE B 351 10.18 -29.97 7.63
CA PHE B 351 9.86 -29.22 6.39
C PHE B 351 10.74 -27.98 6.25
N ILE B 352 10.92 -27.18 7.30
CA ILE B 352 11.72 -25.95 7.24
C ILE B 352 13.17 -26.30 6.88
N LEU B 353 13.78 -27.26 7.59
CA LEU B 353 15.18 -27.64 7.37
C LEU B 353 15.44 -28.25 5.98
N MET B 354 14.54 -29.10 5.47
CA MET B 354 14.68 -29.70 4.14
C MET B 354 14.41 -28.70 3.02
N LYS B 355 13.33 -27.93 3.05
CA LYS B 355 13.01 -26.95 1.99
C LYS B 355 14.08 -25.86 1.85
N PHE B 356 14.77 -25.51 2.93
CA PHE B 356 15.84 -24.52 2.87
C PHE B 356 16.97 -24.92 1.91
N TRP B 357 17.59 -26.10 2.08
CA TRP B 357 18.66 -26.54 1.18
C TRP B 357 18.12 -26.94 -0.20
N MET B 358 16.93 -27.54 -0.30
CA MET B 358 16.34 -27.88 -1.60
C MET B 358 16.09 -26.64 -2.46
N SER B 359 15.64 -25.53 -1.88
CA SER B 359 15.31 -24.30 -2.63
C SER B 359 16.54 -23.46 -3.01
N ALA B 360 17.55 -23.40 -2.16
CA ALA B 360 18.82 -22.75 -2.48
C ALA B 360 19.56 -23.48 -3.62
N LEU B 361 19.41 -24.80 -3.72
CA LEU B 361 19.92 -25.62 -4.81
C LEU B 361 19.07 -25.57 -6.08
N ALA B 362 17.76 -25.85 -6.03
CA ALA B 362 16.92 -26.00 -7.22
C ALA B 362 16.87 -24.76 -8.12
N THR B 363 16.98 -23.56 -7.54
CA THR B 363 17.01 -22.29 -8.28
C THR B 363 18.31 -22.06 -9.07
N THR B 364 19.36 -22.86 -8.88
CA THR B 364 20.62 -22.75 -9.66
C THR B 364 20.60 -23.50 -11.00
N ILE B 365 19.60 -24.35 -11.28
CA ILE B 365 19.61 -25.23 -12.46
C ILE B 365 19.28 -24.49 -13.78
N PRO B 366 19.73 -24.98 -14.96
CA PRO B 366 19.58 -24.28 -16.25
C PRO B 366 18.17 -24.27 -16.88
N VAL B 367 17.17 -23.77 -16.15
CA VAL B 367 15.79 -23.59 -16.62
C VAL B 367 15.32 -22.15 -16.34
N PRO B 368 14.27 -21.66 -17.01
CA PRO B 368 13.59 -20.44 -16.60
C PRO B 368 12.94 -20.62 -15.22
N CYS B 369 13.40 -19.91 -14.20
CA CYS B 369 12.82 -19.99 -12.85
C CYS B 369 13.04 -18.73 -12.01
N GLY B 370 12.13 -18.47 -11.07
CA GLY B 370 12.23 -17.45 -10.03
C GLY B 370 12.44 -18.05 -8.64
N ALA B 371 12.36 -17.24 -7.59
CA ALA B 371 12.75 -17.65 -6.23
C ALA B 371 11.90 -17.08 -5.07
N PHE B 372 10.79 -16.38 -5.31
CA PHE B 372 10.02 -15.73 -4.24
C PHE B 372 9.05 -16.70 -3.51
N MET B 373 8.19 -17.47 -4.20
CA MET B 373 7.32 -18.50 -3.58
C MET B 373 8.10 -19.52 -2.73
N PRO B 374 9.28 -20.04 -3.14
CA PRO B 374 10.12 -20.87 -2.29
C PRO B 374 10.49 -20.26 -0.93
N VAL B 375 10.82 -18.97 -0.82
CA VAL B 375 11.14 -18.36 0.49
C VAL B 375 9.88 -17.88 1.21
N PHE B 376 8.79 -17.59 0.50
CA PHE B 376 7.51 -17.26 1.09
C PHE B 376 6.94 -18.43 1.90
N VAL B 377 6.94 -19.67 1.38
CA VAL B 377 6.48 -20.86 2.11
C VAL B 377 7.40 -21.30 3.26
N ILE B 378 8.72 -21.19 3.15
CA ILE B 378 9.62 -21.44 4.28
C ILE B 378 9.32 -20.47 5.43
N GLY B 379 9.04 -19.20 5.12
CA GLY B 379 8.67 -18.18 6.09
C GLY B 379 7.32 -18.46 6.74
N ALA B 380 6.30 -18.83 5.97
CA ALA B 380 5.00 -19.21 6.50
C ALA B 380 5.08 -20.40 7.47
N ALA B 381 5.87 -21.44 7.17
CA ALA B 381 6.05 -22.58 8.05
C ALA B 381 6.78 -22.22 9.34
N PHE B 382 7.78 -21.35 9.29
CA PHE B 382 8.46 -20.91 10.51
C PHE B 382 7.57 -20.03 11.38
N GLY B 383 6.76 -19.16 10.78
CA GLY B 383 5.76 -18.38 11.50
C GLY B 383 4.71 -19.27 12.16
N ARG B 384 4.19 -20.29 11.47
CA ARG B 384 3.27 -21.27 12.04
C ARG B 384 3.89 -22.10 13.17
N LEU B 385 5.17 -22.44 13.12
CA LEU B 385 5.83 -23.09 14.24
C LEU B 385 5.82 -22.23 15.52
N VAL B 386 6.10 -20.93 15.42
CA VAL B 386 5.99 -19.99 16.55
C VAL B 386 4.54 -19.82 16.99
N GLY B 387 3.59 -19.71 16.07
CA GLY B 387 2.18 -19.54 16.40
C GLY B 387 1.58 -20.71 17.17
N GLU B 388 1.85 -21.95 16.74
CA GLU B 388 1.36 -23.14 17.43
C GLU B 388 2.06 -23.30 18.79
N SER B 389 3.35 -22.96 18.87
CA SER B 389 4.09 -22.97 20.12
C SER B 389 3.53 -21.96 21.15
N MET B 390 3.09 -20.77 20.72
CA MET B 390 2.34 -19.84 21.56
C MET B 390 0.98 -20.41 21.98
N ALA B 391 0.19 -20.92 21.05
CA ALA B 391 -1.12 -21.50 21.35
C ALA B 391 -1.05 -22.73 22.30
N ALA B 392 0.09 -23.42 22.37
CA ALA B 392 0.35 -24.51 23.31
C ALA B 392 0.76 -23.99 24.69
N TRP B 393 1.47 -22.86 24.77
CA TRP B 393 1.94 -22.29 26.04
C TRP B 393 0.87 -21.45 26.75
N PHE B 394 -0.16 -21.01 26.03
CA PHE B 394 -1.27 -20.19 26.52
C PHE B 394 -2.63 -20.77 26.08
N PRO B 395 -3.12 -21.86 26.72
CA PRO B 395 -4.20 -22.68 26.16
C PRO B 395 -5.58 -22.03 26.03
N ASP B 396 -5.90 -21.01 26.83
CA ASP B 396 -7.19 -20.29 26.81
C ASP B 396 -7.07 -18.75 26.78
N GLY B 397 -5.86 -18.21 26.65
CA GLY B 397 -5.64 -16.77 26.52
C GLY B 397 -4.23 -16.33 26.89
N ILE B 398 -3.71 -15.35 26.14
CA ILE B 398 -2.42 -14.71 26.38
C ILE B 398 -2.47 -13.85 27.65
N SER B 403 -6.60 -13.55 28.53
CA SER B 403 -7.86 -14.19 28.92
C SER B 403 -8.94 -14.08 27.84
N THR B 404 -9.78 -15.11 27.73
CA THR B 404 -11.00 -15.22 26.88
C THR B 404 -10.75 -15.23 25.37
N TYR B 405 -9.89 -14.34 24.86
CA TYR B 405 -9.36 -14.35 23.51
C TYR B 405 -8.09 -15.22 23.43
N ARG B 406 -8.25 -16.44 22.93
CA ARG B 406 -7.17 -17.39 22.63
C ARG B 406 -6.40 -17.01 21.35
N ILE B 407 -5.17 -17.50 21.23
CA ILE B 407 -4.21 -17.17 20.16
C ILE B 407 -4.67 -17.71 18.80
N VAL B 408 -4.26 -17.06 17.69
CA VAL B 408 -4.59 -17.42 16.30
C VAL B 408 -3.32 -17.70 15.49
N PRO B 409 -2.83 -18.96 15.40
CA PRO B 409 -1.53 -19.26 14.79
C PRO B 409 -1.43 -18.97 13.29
N GLY B 410 -2.53 -19.03 12.55
CA GLY B 410 -2.54 -18.67 11.13
C GLY B 410 -2.12 -17.21 10.85
N GLY B 411 -2.33 -16.29 11.80
CA GLY B 411 -1.86 -14.91 11.69
C GLY B 411 -0.37 -14.74 11.91
N TYR B 412 0.28 -15.63 12.66
CA TYR B 412 1.75 -15.68 12.79
C TYR B 412 2.43 -16.20 11.51
N ALA B 413 1.78 -17.09 10.77
CA ALA B 413 2.26 -17.55 9.47
C ALA B 413 2.33 -16.40 8.45
N VAL B 414 1.34 -15.51 8.38
CA VAL B 414 1.37 -14.33 7.48
C VAL B 414 2.54 -13.38 7.78
N VAL B 415 2.87 -13.17 9.05
CA VAL B 415 4.00 -12.35 9.49
C VAL B 415 5.34 -12.99 9.14
N GLY B 416 5.48 -14.31 9.28
CA GLY B 416 6.71 -15.01 8.89
C GLY B 416 6.94 -15.07 7.38
N ALA B 417 5.86 -15.18 6.59
CA ALA B 417 5.94 -15.19 5.15
C ALA B 417 6.53 -13.87 4.60
N ALA B 418 5.94 -12.75 4.99
CA ALA B 418 6.36 -11.41 4.62
C ALA B 418 7.78 -11.07 5.09
N ALA B 419 8.13 -11.46 6.32
CA ALA B 419 9.42 -11.14 6.91
C ALA B 419 10.59 -11.88 6.25
N LEU B 420 10.48 -13.17 5.92
CA LEU B 420 11.56 -13.88 5.22
C LEU B 420 11.67 -13.48 3.75
N ALA B 421 10.54 -13.33 3.05
CA ALA B 421 10.54 -12.82 1.69
C ALA B 421 11.16 -11.42 1.57
N GLY B 422 10.87 -10.51 2.51
CA GLY B 422 11.48 -9.19 2.56
C GLY B 422 12.98 -9.22 2.84
N ALA B 423 13.47 -10.06 3.74
CA ALA B 423 14.89 -10.20 4.03
C ALA B 423 15.72 -10.65 2.81
N VAL B 424 15.26 -11.68 2.09
CA VAL B 424 15.92 -12.20 0.89
C VAL B 424 15.90 -11.18 -0.25
N THR B 425 14.76 -10.52 -0.45
CA THR B 425 14.56 -9.58 -1.54
C THR B 425 15.21 -8.21 -1.27
N HIS B 426 15.44 -7.81 -0.01
CA HIS B 426 15.67 -6.42 0.41
C HIS B 426 14.51 -5.52 -0.02
N THR B 427 13.39 -5.65 0.67
CA THR B 427 12.14 -4.97 0.29
C THR B 427 11.24 -4.78 1.50
N VAL B 428 10.41 -3.73 1.51
CA VAL B 428 9.33 -3.55 2.49
C VAL B 428 7.94 -3.65 1.87
N SER B 429 7.77 -3.50 0.55
CA SER B 429 6.47 -3.73 -0.11
C SER B 429 5.89 -5.14 0.06
N THR B 430 6.65 -6.12 0.55
CA THR B 430 6.07 -7.42 0.94
C THR B 430 4.97 -7.26 1.99
N ALA B 431 5.05 -6.27 2.88
CA ALA B 431 3.98 -5.89 3.79
C ALA B 431 2.70 -5.52 3.06
N VAL B 432 2.77 -4.76 1.97
CA VAL B 432 1.60 -4.32 1.20
C VAL B 432 1.01 -5.48 0.40
N ILE B 433 1.88 -6.32 -0.16
CA ILE B 433 1.48 -7.54 -0.88
C ILE B 433 0.68 -8.45 0.03
N VAL B 434 1.13 -8.76 1.26
CA VAL B 434 0.38 -9.68 2.12
C VAL B 434 -1.00 -9.15 2.51
N PHE B 435 -1.23 -7.84 2.62
CA PHE B 435 -2.57 -7.32 2.83
C PHE B 435 -3.48 -7.51 1.61
N GLU B 436 -3.02 -7.16 0.41
CA GLU B 436 -3.80 -7.36 -0.81
C GLU B 436 -4.06 -8.83 -1.09
N LEU B 437 -3.11 -9.70 -0.78
CA LEU B 437 -3.16 -11.15 -0.97
C LEU B 437 -4.06 -11.83 0.07
N THR B 438 -3.76 -11.71 1.36
CA THR B 438 -4.56 -12.34 2.42
C THR B 438 -5.94 -11.72 2.59
N GLY B 439 -6.21 -10.56 1.96
CA GLY B 439 -7.51 -9.90 1.91
C GLY B 439 -7.90 -9.18 3.20
N GLN B 440 -6.98 -9.02 4.15
CA GLN B 440 -7.23 -8.47 5.47
C GLN B 440 -6.08 -7.57 5.93
N ILE B 441 -6.38 -6.64 6.84
CA ILE B 441 -5.44 -5.62 7.37
C ILE B 441 -5.26 -5.71 8.89
N ALA B 442 -6.01 -6.54 9.60
CA ALA B 442 -6.00 -6.62 11.06
C ALA B 442 -4.63 -6.90 11.73
N HIS B 443 -3.70 -7.55 11.03
CA HIS B 443 -2.32 -7.86 11.47
C HIS B 443 -1.26 -6.85 11.00
N ILE B 444 -1.67 -5.66 10.54
CA ILE B 444 -0.78 -4.63 9.98
C ILE B 444 0.42 -4.24 10.85
N LEU B 445 0.23 -3.90 12.13
CA LEU B 445 1.34 -3.54 13.02
C LEU B 445 2.33 -4.72 13.26
N PRO B 446 1.88 -5.96 13.58
CA PRO B 446 2.74 -7.14 13.59
C PRO B 446 3.57 -7.34 12.31
N VAL B 447 2.95 -7.28 11.12
CA VAL B 447 3.63 -7.42 9.83
C VAL B 447 4.73 -6.36 9.68
N MET B 448 4.43 -5.09 9.91
CA MET B 448 5.38 -4.00 9.73
C MET B 448 6.54 -4.04 10.72
N ILE B 449 6.33 -4.46 11.96
CA ILE B 449 7.42 -4.67 12.91
C ILE B 449 8.34 -5.80 12.44
N ALA B 450 7.79 -6.94 12.03
CA ALA B 450 8.59 -8.07 11.58
C ALA B 450 9.38 -7.73 10.31
N VAL B 451 8.73 -7.15 9.31
CA VAL B 451 9.34 -6.77 8.04
C VAL B 451 10.48 -5.76 8.21
N ILE B 452 10.34 -4.74 9.05
CA ILE B 452 11.42 -3.77 9.28
C ILE B 452 12.55 -4.35 10.14
N LEU B 453 12.27 -5.27 11.08
CA LEU B 453 13.33 -5.97 11.82
C LEU B 453 14.09 -6.98 10.95
N ALA B 454 13.41 -7.62 10.00
CA ALA B 454 14.06 -8.55 9.08
C ALA B 454 15.03 -7.81 8.16
N ASN B 455 14.59 -6.73 7.51
CA ASN B 455 15.42 -5.83 6.70
C ASN B 455 16.57 -5.21 7.51
N ALA B 456 16.36 -4.74 8.73
CA ALA B 456 17.40 -4.12 9.53
C ALA B 456 18.62 -5.01 9.77
N VAL B 457 18.45 -6.34 9.89
CA VAL B 457 19.58 -7.27 10.07
C VAL B 457 19.99 -7.99 8.77
N ALA B 458 19.07 -8.30 7.84
CA ALA B 458 19.43 -8.89 6.55
C ALA B 458 20.32 -7.97 5.72
N GLN B 459 19.96 -6.69 5.59
CA GLN B 459 20.75 -5.69 4.86
C GLN B 459 22.10 -5.40 5.54
N SER B 460 22.27 -5.77 6.80
CA SER B 460 23.54 -5.68 7.54
C SER B 460 24.48 -6.89 7.33
N LEU B 461 24.05 -7.93 6.61
CA LEU B 461 24.77 -9.22 6.52
C LEU B 461 25.13 -9.63 5.08
N GLN B 462 24.22 -9.44 4.12
CA GLN B 462 24.38 -9.88 2.74
C GLN B 462 23.66 -8.93 1.76
N PRO B 463 24.08 -8.87 0.48
CA PRO B 463 23.29 -8.25 -0.59
C PRO B 463 21.91 -8.89 -0.80
N SER B 464 21.05 -8.26 -1.60
CA SER B 464 19.82 -8.88 -2.10
C SER B 464 20.12 -10.13 -2.93
N LEU B 465 19.17 -11.03 -3.14
CA LEU B 465 19.36 -12.17 -4.05
C LEU B 465 19.76 -11.71 -5.45
N TYR B 466 19.06 -10.73 -6.01
CA TYR B 466 19.30 -10.24 -7.37
C TYR B 466 20.65 -9.55 -7.54
N ASP B 467 21.14 -8.86 -6.52
CA ASP B 467 22.49 -8.30 -6.51
C ASP B 467 23.56 -9.40 -6.45
N SER B 468 23.32 -10.55 -5.83
CA SER B 468 24.23 -11.70 -5.98
C SER B 468 24.19 -12.23 -7.40
N ILE B 469 23.02 -12.38 -8.01
CA ILE B 469 22.91 -12.91 -9.38
C ILE B 469 23.64 -11.98 -10.37
N ILE B 470 23.52 -10.66 -10.24
CA ILE B 470 24.28 -9.68 -11.03
C ILE B 470 25.78 -9.89 -10.91
N ARG B 471 26.31 -10.02 -9.69
CA ARG B 471 27.75 -10.21 -9.44
C ARG B 471 28.24 -11.59 -9.89
N ILE B 472 27.42 -12.64 -9.80
CA ILE B 472 27.72 -13.98 -10.31
C ILE B 472 27.82 -13.95 -11.85
N LYS B 473 26.86 -13.31 -12.52
CA LYS B 473 26.82 -13.19 -13.99
C LYS B 473 27.79 -12.14 -14.55
N LYS B 474 28.47 -11.39 -13.68
CA LYS B 474 29.41 -10.29 -14.01
C LYS B 474 28.80 -9.21 -14.91
N LEU B 475 27.51 -8.93 -14.74
CA LEU B 475 26.87 -7.73 -15.27
C LEU B 475 27.43 -6.46 -14.57
N PRO B 476 27.37 -5.26 -15.20
CA PRO B 476 27.90 -4.03 -14.62
C PRO B 476 27.10 -3.55 -13.40
N TYR B 477 27.79 -3.38 -12.27
CA TYR B 477 27.18 -3.20 -10.94
C TYR B 477 27.45 -1.80 -10.35
N LEU B 478 26.38 -1.11 -9.95
CA LEU B 478 26.41 0.10 -9.12
C LEU B 478 25.94 -0.30 -7.70
N PRO B 479 26.81 -0.32 -6.68
CA PRO B 479 26.49 -0.90 -5.38
C PRO B 479 25.37 -0.15 -4.66
#